data_7T2C
#
_entry.id   7T2C
#
_cell.length_a   91.933
_cell.length_b   77.712
_cell.length_c   153.684
_cell.angle_alpha   90.000
_cell.angle_beta   96.710
_cell.angle_gamma   90.000
#
_symmetry.space_group_name_H-M   'I 1 2 1'
#
loop_
_entity.id
_entity.type
_entity.pdbx_description
1 polymer 'T cell receptor, B5, alpha chain'
2 polymer 'T cell receptor, B5, beta chain'
3 polymer 'HLA class II histocompatibility antigen, DP alpha 1 chain'
4 polymer 'HLA class II histocompatibility antigen, DP beta 1 chain'
5 polymer 'Pneumolysin-derived peptide'
6 branched 2-acetamido-2-deoxy-beta-D-glucopyranose-(1-4)-2-acetamido-2-deoxy-beta-D-glucopyranose
7 non-polymer 1,2-ETHANEDIOL
8 non-polymer 2-acetamido-2-deoxy-beta-D-glucopyranose
9 water water
#
loop_
_entity_poly.entity_id
_entity_poly.type
_entity_poly.pdbx_seq_one_letter_code
_entity_poly.pdbx_strand_id
1 'polypeptide(L)'
;LAKTTQPISMDSYEGQEVNITCSHNNIATNDYITWYQQFPSQGPRFIIQGYKTKVTNEVASLFIPADRKSSTLSLPRVSL
SDTAVYYCLVGDTGFQKLVFGTGTRLLVSPNIQNPDPAVYQLRDSKSSDKSVCLFTDFDSQTNVSQSKDSDVYITDKCVL
DMRSMDFKSNSAVAWSNKSDFACANAFNNSIIPEDTFFPSPESS
;
D
2 'polypeptide(L)'
;GAVVSQHPSWVICKSGTSVKIECRSLDFQATTMFWYRQFPKQSLMLMATSNEGSKATYEQGVEKDKFLINHASLTLSTLT
VTSAHPEDSSFYICSARDPGGGGSSYEQYFGPGTRLTVTEDLNKVFPPEVAVFEPSEAEISHTQKATLVCLATGFFPDHV
ELSWWVNGKEVHSGVCTDPQPLKEQPALNDSRYALSSRLRVSATFWQNPRNHFRCQVQFYGLSENDEWTQDRAKPVTQIV
SAEAWGRAD
;
E
3 'polypeptide(L)'
;IKADHVSTYAAFVQTHRPTGEFMFEFDEDEMFYVDLDKKETVWHLEEFGQAFSFEAQGGLANIAILNNNLNTLIQRSNHT
QATNDPPEVTVFPKEPVELGQPNTLICHIDKFFPPVLNVTWLCNGELVTEGVAESLFLPRTDYSFHKFHYLTFVPSAEDF
YDCRVEHWGLDQPLLKHWEAQ
;
A
4 'polypeptide(L)'
;RATPENYLFQGRQECYAFNGTQRFLERYIYNREEFARFDSDVGEFRAVTELGRPAAEYWNSQKDILEEKRAVPDRMCRHN
YELGGPMTLQRRVQPRVNVSPSKKGPLQHHNLLVCHVTDFYPGSIQVRWFLNGQEETAGVVSTNLIRNGDWTFQILVMLE
MTPQQGDVYTCQVEHTSLDSPVTVEWKA
;
B
5 'polypeptide(L)' GATGLAWEWWRTVYE C
#
# COMPACT_ATOMS: atom_id res chain seq x y z
N ALA A 2 -6.56 -11.87 -1.14
CA ALA A 2 -6.87 -13.29 -0.98
C ALA A 2 -5.75 -14.00 -0.23
N LYS A 3 -6.02 -15.25 0.14
CA LYS A 3 -5.04 -16.07 0.85
C LYS A 3 -4.39 -17.05 -0.13
N THR A 4 -3.07 -17.08 -0.13
CA THR A 4 -2.30 -17.89 -1.06
C THR A 4 -1.81 -19.17 -0.40
N THR A 5 -1.44 -20.14 -1.23
CA THR A 5 -0.87 -21.40 -0.78
C THR A 5 0.44 -21.62 -1.53
N GLN A 6 1.53 -21.81 -0.78
CA GLN A 6 2.86 -22.03 -1.33
C GLN A 6 3.44 -23.29 -0.72
N PRO A 7 4.44 -23.88 -1.35
CA PRO A 7 5.21 -24.94 -0.68
C PRO A 7 5.90 -24.38 0.56
N ILE A 8 5.93 -25.20 1.62
CA ILE A 8 6.51 -24.75 2.87
C ILE A 8 8.01 -24.55 2.73
N SER A 9 8.67 -25.41 1.95
CA SER A 9 10.11 -25.30 1.75
C SER A 9 10.48 -26.02 0.46
N MET A 10 11.66 -25.67 -0.07
CA MET A 10 12.19 -26.27 -1.27
C MET A 10 13.66 -26.60 -1.08
N ASP A 11 14.13 -27.61 -1.80
CA ASP A 11 15.54 -27.97 -1.85
C ASP A 11 16.06 -27.76 -3.27
N SER A 12 17.34 -27.41 -3.37
CA SER A 12 17.94 -27.12 -4.66
C SER A 12 19.45 -27.18 -4.52
N TYR A 13 20.13 -27.23 -5.66
CA TYR A 13 21.59 -27.16 -5.73
C TYR A 13 21.99 -25.85 -6.39
N GLU A 14 23.19 -25.37 -6.05
CA GLU A 14 23.67 -24.11 -6.59
C GLU A 14 23.83 -24.18 -8.10
N GLY A 15 23.46 -23.09 -8.78
CA GLY A 15 23.51 -23.04 -10.23
C GLY A 15 22.27 -23.54 -10.92
N GLN A 16 21.24 -23.95 -10.19
CA GLN A 16 20.02 -24.51 -10.74
C GLN A 16 18.95 -23.43 -10.84
N GLU A 17 18.19 -23.46 -11.94
CA GLU A 17 17.03 -22.60 -12.04
C GLU A 17 15.92 -23.15 -11.14
N VAL A 18 15.48 -22.33 -10.20
CA VAL A 18 14.46 -22.71 -9.22
C VAL A 18 13.14 -22.08 -9.61
N ASN A 19 12.06 -22.87 -9.59
CA ASN A 19 10.72 -22.41 -9.91
C ASN A 19 9.82 -22.64 -8.71
N ILE A 20 9.26 -21.56 -8.17
CA ILE A 20 8.35 -21.61 -7.04
C ILE A 20 6.95 -21.31 -7.57
N THR A 21 6.06 -22.29 -7.51
CA THR A 21 4.70 -22.15 -8.01
C THR A 21 3.77 -21.74 -6.88
N CYS A 22 3.02 -20.67 -7.10
CA CYS A 22 2.06 -20.16 -6.14
C CYS A 22 0.65 -20.40 -6.66
N SER A 23 -0.19 -21.03 -5.83
CA SER A 23 -1.56 -21.36 -6.21
C SER A 23 -2.51 -20.35 -5.58
N HIS A 24 -3.18 -19.57 -6.44
CA HIS A 24 -4.18 -18.58 -6.02
C HIS A 24 -5.38 -18.68 -6.97
N ASN A 25 -6.21 -19.69 -6.74
CA ASN A 25 -7.29 -20.01 -7.68
C ASN A 25 -8.34 -18.91 -7.70
N ASN A 26 -8.80 -18.47 -6.54
CA ASN A 26 -9.89 -17.50 -6.46
C ASN A 26 -9.37 -16.07 -6.55
N ILE A 27 -8.67 -15.79 -7.65
CA ILE A 27 -8.17 -14.46 -7.94
C ILE A 27 -9.22 -13.71 -8.75
N ALA A 28 -9.07 -12.38 -8.84
CA ALA A 28 -10.08 -11.51 -9.41
C ALA A 28 -9.49 -10.66 -10.53
N THR A 29 -10.39 -10.00 -11.26
CA THR A 29 -9.98 -8.92 -12.13
C THR A 29 -9.43 -7.74 -11.36
N ASN A 30 -9.63 -7.74 -10.05
CA ASN A 30 -9.26 -6.62 -9.20
C ASN A 30 -7.88 -6.76 -8.58
N ASP A 31 -7.32 -7.98 -8.56
CA ASP A 31 -6.12 -8.23 -7.79
C ASP A 31 -4.84 -8.15 -8.65
N TYR A 32 -3.72 -8.03 -7.96
CA TYR A 32 -2.39 -7.96 -8.56
C TYR A 32 -1.51 -9.01 -7.89
N ILE A 33 -0.44 -9.41 -8.56
CA ILE A 33 0.47 -10.43 -8.04
C ILE A 33 1.78 -9.75 -7.67
N THR A 34 2.16 -9.86 -6.40
CA THR A 34 3.40 -9.29 -5.89
C THR A 34 4.17 -10.34 -5.12
N TRP A 35 5.49 -10.36 -5.29
CA TRP A 35 6.37 -11.31 -4.63
C TRP A 35 7.40 -10.58 -3.77
N TYR A 36 7.79 -11.22 -2.67
CA TYR A 36 8.75 -10.66 -1.73
C TYR A 36 9.84 -11.68 -1.43
N GLN A 37 10.95 -11.18 -0.90
CA GLN A 37 12.09 -12.01 -0.52
C GLN A 37 12.59 -11.54 0.84
N GLN A 38 12.70 -12.48 1.79
CA GLN A 38 13.08 -12.16 3.16
C GLN A 38 14.32 -12.99 3.53
N PHE A 39 15.43 -12.30 3.74
CA PHE A 39 16.65 -12.92 4.22
C PHE A 39 16.63 -13.02 5.74
N PRO A 40 17.41 -13.93 6.33
CA PRO A 40 17.40 -14.07 7.79
C PRO A 40 17.83 -12.79 8.49
N SER A 41 17.24 -12.53 9.66
CA SER A 41 17.49 -11.40 10.55
C SER A 41 17.09 -10.06 9.95
N GLN A 42 16.26 -10.03 8.91
CA GLN A 42 15.78 -8.78 8.35
C GLN A 42 14.37 -8.99 7.82
N GLY A 43 13.77 -7.92 7.32
CA GLY A 43 12.42 -7.96 6.83
C GLY A 43 12.31 -8.28 5.35
N PRO A 44 11.11 -8.63 4.89
CA PRO A 44 10.93 -8.97 3.48
C PRO A 44 11.19 -7.78 2.56
N ARG A 45 11.45 -8.09 1.29
CA ARG A 45 11.77 -7.08 0.30
C ARG A 45 11.12 -7.44 -1.02
N PHE A 46 10.45 -6.45 -1.63
CA PHE A 46 9.78 -6.65 -2.90
C PHE A 46 10.79 -6.94 -4.00
N ILE A 47 10.44 -7.86 -4.91
CA ILE A 47 11.36 -8.29 -5.94
C ILE A 47 10.74 -8.21 -7.33
N ILE A 48 9.47 -8.58 -7.45
CA ILE A 48 8.82 -8.64 -8.77
C ILE A 48 7.32 -8.54 -8.58
N GLN A 49 6.63 -8.06 -9.62
CA GLN A 49 5.17 -7.99 -9.63
C GLN A 49 4.68 -8.19 -11.06
N GLY A 50 3.39 -8.52 -11.20
CA GLY A 50 2.82 -8.70 -12.52
C GLY A 50 1.31 -8.91 -12.57
N TYR A 51 0.76 -8.58 -13.73
CA TYR A 51 -0.64 -8.79 -14.05
C TYR A 51 -0.73 -9.20 -15.51
N LYS A 52 -1.22 -10.42 -15.75
CA LYS A 52 -1.26 -11.00 -17.08
C LYS A 52 0.14 -11.25 -17.62
N THR A 53 0.78 -10.24 -18.20
CA THR A 53 2.00 -10.44 -18.98
C THR A 53 3.15 -10.95 -18.11
N LYS A 54 4.12 -11.56 -18.78
CA LYS A 54 5.32 -12.07 -18.13
C LYS A 54 6.30 -10.94 -17.84
N VAL A 55 6.93 -11.00 -16.67
CA VAL A 55 7.84 -9.98 -16.20
C VAL A 55 9.20 -10.61 -15.91
N THR A 56 10.27 -9.90 -16.26
CA THR A 56 11.63 -10.34 -16.02
C THR A 56 12.47 -9.15 -15.57
N ASN A 57 13.17 -9.32 -14.45
CA ASN A 57 14.10 -8.30 -13.98
C ASN A 57 15.42 -8.93 -13.57
N GLU A 58 16.26 -8.16 -12.86
CA GLU A 58 17.57 -8.66 -12.45
C GLU A 58 17.44 -9.81 -11.45
N VAL A 59 16.42 -9.76 -10.58
CA VAL A 59 16.34 -10.72 -9.49
C VAL A 59 15.70 -12.02 -9.95
N ALA A 60 14.57 -11.94 -10.66
CA ALA A 60 13.84 -13.13 -11.03
C ALA A 60 12.89 -12.81 -12.19
N SER A 61 12.21 -13.85 -12.68
CA SER A 61 11.19 -13.74 -13.69
C SER A 61 9.87 -14.25 -13.12
N LEU A 62 8.76 -13.71 -13.63
CA LEU A 62 7.43 -14.06 -13.16
C LEU A 62 6.60 -14.56 -14.34
N PHE A 63 6.14 -15.80 -14.25
CA PHE A 63 5.30 -16.41 -15.28
C PHE A 63 3.87 -16.46 -14.79
N ILE A 64 2.95 -15.90 -15.58
CA ILE A 64 1.53 -15.86 -15.22
C ILE A 64 0.73 -16.44 -16.38
N PRO A 65 0.12 -17.61 -16.21
CA PRO A 65 -0.71 -18.17 -17.29
C PRO A 65 -1.95 -17.33 -17.55
N ALA A 66 -2.70 -17.73 -18.58
CA ALA A 66 -3.84 -16.94 -19.02
C ALA A 66 -4.95 -16.94 -17.99
N ASP A 67 -5.20 -18.08 -17.33
CA ASP A 67 -6.26 -18.14 -16.34
C ASP A 67 -5.93 -17.33 -15.09
N ARG A 68 -4.66 -16.99 -14.88
CA ARG A 68 -4.19 -16.20 -13.74
C ARG A 68 -4.48 -16.88 -12.41
N LYS A 69 -4.75 -18.18 -12.41
CA LYS A 69 -4.99 -18.91 -11.17
C LYS A 69 -3.70 -19.33 -10.48
N SER A 70 -2.54 -19.13 -11.11
CA SER A 70 -1.27 -19.48 -10.51
C SER A 70 -0.20 -18.56 -11.08
N SER A 71 0.97 -18.59 -10.43
CA SER A 71 2.12 -17.81 -10.88
C SER A 71 3.39 -18.52 -10.42
N THR A 72 4.38 -18.55 -11.31
CA THR A 72 5.64 -19.23 -11.05
C THR A 72 6.77 -18.22 -10.96
N LEU A 73 7.51 -18.26 -9.84
CA LEU A 73 8.67 -17.42 -9.64
C LEU A 73 9.90 -18.20 -10.10
N SER A 74 10.52 -17.75 -11.19
CA SER A 74 11.69 -18.44 -11.75
C SER A 74 12.93 -17.65 -11.36
N LEU A 75 13.55 -18.05 -10.25
CA LEU A 75 14.84 -17.49 -9.89
C LEU A 75 15.91 -18.06 -10.83
N PRO A 76 16.89 -17.25 -11.24
CA PRO A 76 17.90 -17.74 -12.19
C PRO A 76 18.89 -18.70 -11.54
N ARG A 77 20.12 -18.72 -12.05
CA ARG A 77 21.18 -19.53 -11.46
C ARG A 77 21.33 -19.19 -9.99
N VAL A 78 20.87 -20.08 -9.11
CA VAL A 78 20.80 -19.78 -7.69
C VAL A 78 22.18 -19.86 -7.08
N SER A 79 22.46 -18.92 -6.18
CA SER A 79 23.65 -18.93 -5.35
C SER A 79 23.22 -19.15 -3.90
N LEU A 80 24.18 -19.52 -3.06
CA LEU A 80 23.88 -19.76 -1.65
C LEU A 80 23.34 -18.48 -0.99
N SER A 81 23.66 -17.32 -1.55
CA SER A 81 23.12 -16.05 -1.05
C SER A 81 21.63 -15.89 -1.34
N ASP A 82 21.04 -16.82 -2.09
CA ASP A 82 19.62 -16.80 -2.40
C ASP A 82 18.79 -17.65 -1.43
N THR A 83 19.42 -18.23 -0.41
CA THR A 83 18.70 -19.02 0.59
C THR A 83 17.87 -18.08 1.44
N ALA A 84 16.58 -17.97 1.13
CA ALA A 84 15.71 -17.03 1.82
C ALA A 84 14.27 -17.52 1.69
N VAL A 85 13.37 -16.84 2.40
CA VAL A 85 11.95 -17.14 2.35
C VAL A 85 11.31 -16.27 1.28
N TYR A 86 10.49 -16.88 0.43
CA TYR A 86 9.85 -16.20 -0.68
C TYR A 86 8.34 -16.21 -0.47
N TYR A 87 7.75 -15.02 -0.39
CA TYR A 87 6.33 -14.87 -0.12
C TYR A 87 5.57 -14.53 -1.39
N CYS A 88 4.33 -15.00 -1.45
CA CYS A 88 3.43 -14.77 -2.58
C CYS A 88 2.17 -14.10 -2.07
N LEU A 89 1.89 -12.90 -2.57
CA LEU A 89 0.75 -12.10 -2.12
C LEU A 89 -0.09 -11.69 -3.32
N VAL A 90 -1.41 -11.83 -3.18
CA VAL A 90 -2.37 -11.36 -4.17
C VAL A 90 -3.34 -10.43 -3.49
N GLY A 91 -3.74 -9.38 -4.19
CA GLY A 91 -4.65 -8.40 -3.64
C GLY A 91 -4.73 -7.17 -4.51
N ASP A 92 -5.58 -6.24 -4.09
CA ASP A 92 -5.84 -5.03 -4.84
C ASP A 92 -4.93 -3.90 -4.35
N THR A 93 -5.24 -2.67 -4.77
CA THR A 93 -4.44 -1.50 -4.42
C THR A 93 -4.64 -1.04 -2.98
N GLY A 94 -5.52 -1.70 -2.22
CA GLY A 94 -5.82 -1.28 -0.87
C GLY A 94 -4.83 -1.81 0.16
N PHE A 95 -5.21 -1.64 1.43
CA PHE A 95 -4.42 -2.10 2.57
C PHE A 95 -5.16 -3.14 3.40
N GLN A 96 -6.15 -3.81 2.80
CA GLN A 96 -7.05 -4.70 3.55
C GLN A 96 -6.48 -6.12 3.56
N LYS A 97 -5.59 -6.36 4.50
CA LYS A 97 -5.14 -7.71 4.88
C LYS A 97 -4.54 -8.46 3.69
N LEU A 98 -3.42 -7.94 3.19
CA LEU A 98 -2.57 -8.72 2.29
C LEU A 98 -1.69 -9.61 3.17
N VAL A 99 -2.28 -10.73 3.60
CA VAL A 99 -1.66 -11.57 4.62
C VAL A 99 -0.40 -12.21 4.08
N PHE A 100 0.66 -12.22 4.89
CA PHE A 100 1.91 -12.89 4.57
C PHE A 100 1.80 -14.33 5.08
N GLY A 101 1.46 -15.25 4.18
CA GLY A 101 1.35 -16.65 4.54
C GLY A 101 2.70 -17.26 4.83
N THR A 102 2.67 -18.56 5.15
CA THR A 102 3.89 -19.32 5.41
C THR A 102 4.65 -19.44 4.10
N GLY A 103 5.68 -18.61 3.93
CA GLY A 103 6.42 -18.56 2.68
C GLY A 103 7.19 -19.84 2.39
N THR A 104 7.87 -19.82 1.25
CA THR A 104 8.64 -20.96 0.77
C THR A 104 10.09 -20.77 1.20
N ARG A 105 10.49 -21.50 2.25
CA ARG A 105 11.87 -21.44 2.73
C ARG A 105 12.80 -22.15 1.77
N LEU A 106 13.28 -21.44 0.75
CA LEU A 106 14.18 -22.04 -0.23
C LEU A 106 15.55 -22.27 0.37
N LEU A 107 16.06 -23.49 0.21
CA LEU A 107 17.39 -23.86 0.68
C LEU A 107 18.24 -24.23 -0.52
N VAL A 108 19.36 -23.53 -0.69
CA VAL A 108 20.30 -23.77 -1.78
C VAL A 108 21.50 -24.49 -1.17
N SER A 109 21.55 -25.82 -1.32
CA SER A 109 22.68 -26.54 -0.78
C SER A 109 23.81 -26.61 -1.82
N PRO A 110 25.05 -26.48 -1.39
CA PRO A 110 26.17 -26.52 -2.34
C PRO A 110 26.42 -27.94 -2.84
N ASN A 111 27.22 -28.02 -3.90
CA ASN A 111 27.61 -29.29 -4.50
C ASN A 111 29.09 -29.52 -4.21
N ILE A 112 29.38 -30.48 -3.35
CA ILE A 112 30.75 -30.82 -2.94
C ILE A 112 31.03 -32.23 -3.44
N GLN A 113 31.83 -32.33 -4.51
CA GLN A 113 32.18 -33.62 -5.08
C GLN A 113 33.46 -34.20 -4.53
N ASN A 114 34.14 -33.50 -3.60
CA ASN A 114 35.32 -34.01 -2.93
C ASN A 114 35.16 -33.87 -1.42
N PRO A 115 34.23 -34.62 -0.82
CA PRO A 115 34.07 -34.55 0.64
C PRO A 115 35.19 -35.29 1.35
N ASP A 116 35.79 -34.61 2.33
CA ASP A 116 36.84 -35.19 3.17
C ASP A 116 36.42 -35.06 4.63
N PRO A 117 35.40 -35.81 5.05
CA PRO A 117 34.87 -35.63 6.42
C PRO A 117 35.89 -36.01 7.47
N ALA A 118 36.21 -35.05 8.34
CA ALA A 118 37.20 -35.25 9.39
C ALA A 118 36.81 -34.42 10.60
N VAL A 119 37.45 -34.73 11.73
CA VAL A 119 37.22 -34.04 12.99
C VAL A 119 38.58 -33.59 13.52
N TYR A 120 38.74 -32.29 13.73
CA TYR A 120 39.96 -31.71 14.25
C TYR A 120 39.70 -31.03 15.59
N GLN A 121 40.77 -30.82 16.35
CA GLN A 121 40.68 -30.19 17.66
C GLN A 121 41.41 -28.86 17.63
N LEU A 122 40.78 -27.83 18.19
CA LEU A 122 41.35 -26.49 18.26
C LEU A 122 41.50 -26.08 19.72
N ARG A 123 42.56 -25.34 20.01
CA ARG A 123 42.88 -24.95 21.38
C ARG A 123 42.93 -23.43 21.49
N ASP A 124 42.46 -22.91 22.61
CA ASP A 124 42.39 -21.48 22.83
C ASP A 124 43.79 -20.87 22.96
N SER A 125 43.90 -19.59 22.63
CA SER A 125 45.15 -18.86 22.77
C SER A 125 45.42 -18.43 24.20
N LYS A 126 44.56 -18.79 25.14
CA LYS A 126 44.73 -18.45 26.55
C LYS A 126 44.94 -19.70 27.39
N SER A 127 43.89 -20.50 27.58
CA SER A 127 43.97 -21.72 28.39
C SER A 127 43.98 -22.92 27.45
N SER A 128 45.02 -23.75 27.55
CA SER A 128 45.11 -24.95 26.72
C SER A 128 44.12 -26.02 27.12
N ASP A 129 43.65 -26.01 28.37
CA ASP A 129 42.66 -26.99 28.80
C ASP A 129 41.32 -26.76 28.11
N LYS A 130 41.02 -25.52 27.74
CA LYS A 130 39.78 -25.21 27.02
C LYS A 130 40.02 -25.45 25.53
N SER A 131 39.40 -26.49 24.99
CA SER A 131 39.53 -26.84 23.58
C SER A 131 38.15 -27.02 22.97
N VAL A 132 38.13 -27.14 21.65
CA VAL A 132 36.88 -27.26 20.89
C VAL A 132 37.12 -28.20 19.71
N CYS A 133 36.05 -28.90 19.32
CA CYS A 133 36.10 -29.83 18.21
C CYS A 133 35.44 -29.21 16.98
N LEU A 134 35.96 -29.57 15.81
CA LEU A 134 35.47 -29.04 14.54
C LEU A 134 35.24 -30.20 13.59
N PHE A 135 34.01 -30.32 13.08
CA PHE A 135 33.64 -31.33 12.09
C PHE A 135 33.36 -30.60 10.78
N THR A 136 34.25 -30.76 9.81
CA THR A 136 34.19 -29.99 8.57
C THR A 136 34.40 -30.90 7.37
N ASP A 137 34.22 -30.31 6.18
CA ASP A 137 34.46 -30.98 4.90
C ASP A 137 33.59 -32.22 4.72
N PHE A 138 32.33 -32.12 5.13
CA PHE A 138 31.38 -33.22 4.97
C PHE A 138 30.35 -32.87 3.91
N ASP A 139 29.67 -33.90 3.42
CA ASP A 139 28.74 -33.75 2.32
C ASP A 139 27.56 -32.86 2.71
N SER A 140 26.93 -32.28 1.69
CA SER A 140 25.76 -31.44 1.94
C SER A 140 24.58 -32.26 2.46
N GLN A 141 24.44 -33.49 2.01
CA GLN A 141 23.39 -34.39 2.47
C GLN A 141 23.77 -35.14 3.75
N THR A 142 24.79 -34.67 4.46
CA THR A 142 25.21 -35.28 5.72
C THR A 142 24.49 -34.58 6.87
N ASN A 143 23.64 -35.30 7.57
CA ASN A 143 22.90 -34.75 8.70
C ASN A 143 23.82 -34.70 9.92
N VAL A 144 24.04 -33.50 10.45
CA VAL A 144 24.90 -33.35 11.62
C VAL A 144 24.20 -33.91 12.85
N SER A 145 25.00 -34.32 13.83
CA SER A 145 24.48 -35.02 15.00
C SER A 145 23.83 -34.04 15.98
N GLN A 146 22.74 -34.49 16.60
CA GLN A 146 22.11 -33.75 17.68
C GLN A 146 22.68 -34.24 19.02
N SER A 147 22.80 -33.31 19.97
CA SER A 147 23.45 -33.63 21.23
C SER A 147 22.58 -34.56 22.06
N LYS A 148 23.17 -35.65 22.55
CA LYS A 148 22.51 -36.56 23.48
C LYS A 148 22.95 -36.33 24.92
N ASP A 149 23.68 -35.25 25.19
CA ASP A 149 24.12 -34.91 26.53
C ASP A 149 23.89 -33.43 26.76
N SER A 150 23.42 -33.09 27.97
CA SER A 150 23.20 -31.69 28.31
C SER A 150 24.51 -30.96 28.57
N ASP A 151 25.60 -31.67 28.80
CA ASP A 151 26.91 -31.07 29.03
C ASP A 151 27.75 -30.98 27.77
N VAL A 152 27.24 -31.45 26.63
CA VAL A 152 27.93 -31.40 25.36
C VAL A 152 27.09 -30.60 24.38
N TYR A 153 27.71 -29.59 23.76
CA TYR A 153 27.03 -28.70 22.83
C TYR A 153 27.52 -28.95 21.42
N ILE A 154 26.58 -28.95 20.47
CA ILE A 154 26.90 -29.13 19.05
C ILE A 154 26.10 -28.11 18.25
N THR A 155 26.80 -27.20 17.59
CA THR A 155 26.12 -26.20 16.77
C THR A 155 25.57 -26.83 15.50
N ASP A 156 24.50 -26.24 14.98
CA ASP A 156 23.96 -26.67 13.69
C ASP A 156 24.99 -26.39 12.60
N LYS A 157 24.94 -27.19 11.54
CA LYS A 157 25.93 -27.08 10.49
C LYS A 157 25.82 -25.73 9.79
N CYS A 158 26.96 -25.25 9.26
CA CYS A 158 27.03 -23.99 8.56
C CYS A 158 28.00 -24.13 7.40
N VAL A 159 27.68 -23.46 6.29
CA VAL A 159 28.49 -23.52 5.07
C VAL A 159 29.23 -22.19 4.92
N LEU A 160 30.48 -22.27 4.50
CA LEU A 160 31.31 -21.10 4.24
C LEU A 160 31.81 -21.13 2.80
N ASP A 161 32.05 -19.94 2.24
CA ASP A 161 32.46 -19.80 0.85
C ASP A 161 33.74 -18.98 0.79
N MET A 162 34.80 -19.60 0.28
CA MET A 162 36.06 -18.91 0.01
C MET A 162 36.04 -18.49 -1.46
N ARG A 163 35.65 -17.24 -1.70
CA ARG A 163 35.41 -16.77 -3.06
C ARG A 163 36.69 -16.59 -3.88
N SER A 164 37.86 -16.67 -3.25
CA SER A 164 39.11 -16.63 -4.00
C SER A 164 39.45 -18.01 -4.55
N MET A 165 39.52 -19.02 -3.69
CA MET A 165 39.79 -20.39 -4.10
C MET A 165 38.58 -21.07 -4.70
N ASP A 166 37.41 -20.41 -4.72
CA ASP A 166 36.17 -21.01 -5.21
C ASP A 166 35.88 -22.33 -4.50
N PHE A 167 36.09 -22.34 -3.19
CA PHE A 167 35.96 -23.53 -2.37
C PHE A 167 34.89 -23.33 -1.31
N LYS A 168 34.05 -24.34 -1.13
CA LYS A 168 32.97 -24.32 -0.14
C LYS A 168 33.05 -25.58 0.71
N SER A 169 32.76 -25.43 2.00
CA SER A 169 32.84 -26.57 2.91
C SER A 169 31.86 -26.36 4.07
N ASN A 170 31.07 -27.39 4.35
CA ASN A 170 30.19 -27.37 5.51
C ASN A 170 31.01 -27.68 6.76
N SER A 171 30.66 -27.02 7.87
CA SER A 171 31.41 -27.16 9.10
C SER A 171 30.45 -27.14 10.29
N ALA A 172 30.85 -27.84 11.35
CA ALA A 172 30.09 -27.89 12.60
C ALA A 172 31.04 -27.79 13.77
N VAL A 173 30.59 -27.12 14.83
CA VAL A 173 31.39 -26.87 16.02
C VAL A 173 30.78 -27.63 17.20
N ALA A 174 31.65 -28.21 18.03
CA ALA A 174 31.21 -28.93 19.22
C ALA A 174 32.23 -28.73 20.33
N TRP A 175 31.73 -28.41 21.53
CA TRP A 175 32.58 -28.22 22.69
C TRP A 175 31.85 -28.74 23.93
N SER A 176 32.61 -28.87 25.02
CA SER A 176 32.06 -29.34 26.28
C SER A 176 32.83 -28.68 27.42
N ASN A 177 32.12 -27.94 28.26
CA ASN A 177 32.77 -27.30 29.40
C ASN A 177 33.23 -28.29 30.45
N LYS A 178 32.63 -29.49 30.49
CA LYS A 178 33.02 -30.49 31.47
C LYS A 178 34.42 -31.01 31.17
N SER A 179 35.17 -31.32 32.24
CA SER A 179 36.53 -31.78 32.10
C SER A 179 36.56 -33.21 31.57
N ASP A 180 37.75 -33.62 31.11
CA ASP A 180 38.01 -34.97 30.63
C ASP A 180 37.08 -35.33 29.46
N PHE A 181 37.13 -34.50 28.42
CA PHE A 181 36.31 -34.67 27.23
C PHE A 181 37.20 -34.77 26.01
N ALA A 182 36.82 -35.64 25.08
CA ALA A 182 37.53 -35.84 23.83
C ALA A 182 36.56 -35.73 22.66
N CYS A 183 37.10 -35.47 21.48
CA CYS A 183 36.29 -35.27 20.27
C CYS A 183 35.84 -36.64 19.76
N ALA A 184 34.74 -37.12 20.34
CA ALA A 184 34.11 -38.37 19.93
C ALA A 184 32.67 -38.09 19.58
N ASN A 185 32.27 -38.42 18.35
CA ASN A 185 30.94 -38.10 17.85
C ASN A 185 30.39 -39.30 17.09
N ALA A 186 29.08 -39.28 16.88
CA ALA A 186 28.41 -40.36 16.15
C ALA A 186 28.31 -40.02 14.67
N ALA B 2 12.60 5.08 -1.48
CA ALA B 2 11.76 5.03 -0.30
C ALA B 2 12.42 4.20 0.80
N VAL B 3 12.84 4.86 1.87
CA VAL B 3 13.54 4.23 2.98
C VAL B 3 12.67 4.37 4.23
N VAL B 4 12.60 3.30 5.02
CA VAL B 4 11.84 3.28 6.27
C VAL B 4 12.81 2.97 7.40
N SER B 5 12.80 3.82 8.43
CA SER B 5 13.62 3.63 9.62
C SER B 5 12.76 3.10 10.76
N GLN B 6 13.35 2.24 11.57
CA GLN B 6 12.65 1.64 12.72
C GLN B 6 13.62 1.62 13.90
N HIS B 7 13.31 2.40 14.93
CA HIS B 7 14.14 2.51 16.11
C HIS B 7 13.30 2.31 17.37
N PRO B 8 13.85 1.68 18.41
CA PRO B 8 15.22 1.16 18.47
C PRO B 8 15.38 -0.18 17.77
N SER B 9 16.63 -0.57 17.50
CA SER B 9 16.92 -1.85 16.87
C SER B 9 17.08 -2.98 17.88
N TRP B 10 17.55 -2.68 19.08
CA TRP B 10 17.70 -3.66 20.15
C TRP B 10 17.16 -3.06 21.44
N VAL B 11 16.37 -3.83 22.18
CA VAL B 11 15.74 -3.35 23.40
C VAL B 11 15.64 -4.50 24.40
N ILE B 12 16.08 -4.25 25.62
CA ILE B 12 15.99 -5.19 26.72
C ILE B 12 15.39 -4.47 27.92
N CYS B 13 14.39 -5.07 28.55
CA CYS B 13 13.70 -4.43 29.66
C CYS B 13 13.09 -5.49 30.57
N LYS B 14 12.64 -5.04 31.74
CA LYS B 14 11.99 -5.88 32.73
C LYS B 14 10.50 -5.94 32.46
N SER B 15 9.86 -6.97 33.04
CA SER B 15 8.42 -7.12 32.89
C SER B 15 7.69 -5.91 33.49
N GLY B 16 6.60 -5.51 32.83
CA GLY B 16 5.84 -4.34 33.23
C GLY B 16 6.32 -3.04 32.62
N THR B 17 7.49 -3.03 31.99
CA THR B 17 8.02 -1.82 31.39
C THR B 17 7.33 -1.56 30.05
N SER B 18 7.08 -0.29 29.75
CA SER B 18 6.54 0.10 28.46
C SER B 18 7.66 0.29 27.46
N VAL B 19 7.41 -0.15 26.22
CA VAL B 19 8.39 -0.10 25.15
C VAL B 19 7.76 0.58 23.94
N LYS B 20 8.31 1.73 23.56
CA LYS B 20 7.83 2.49 22.41
C LYS B 20 8.78 2.26 21.24
N ILE B 21 8.21 1.93 20.08
CA ILE B 21 8.96 1.68 18.85
C ILE B 21 8.55 2.72 17.83
N GLU B 22 9.52 3.43 17.27
CA GLU B 22 9.27 4.46 16.27
C GLU B 22 9.49 3.90 14.87
N CYS B 23 8.50 4.06 14.01
CA CYS B 23 8.57 3.63 12.61
C CYS B 23 8.37 4.87 11.74
N ARG B 24 9.45 5.38 11.18
CA ARG B 24 9.42 6.62 10.41
C ARG B 24 9.64 6.33 8.93
N SER B 25 8.99 7.14 8.09
CA SER B 25 9.20 7.11 6.64
C SER B 25 10.02 8.34 6.27
N LEU B 26 11.27 8.12 5.89
CA LEU B 26 12.23 9.21 5.79
C LEU B 26 11.99 10.11 4.58
N ASP B 27 11.73 9.53 3.41
CA ASP B 27 11.63 10.31 2.17
C ASP B 27 10.23 10.25 1.55
N PHE B 28 9.22 9.87 2.33
CA PHE B 28 7.85 9.84 1.83
C PHE B 28 6.90 9.91 3.01
N GLN B 29 5.69 10.38 2.76
CA GLN B 29 4.64 10.45 3.77
C GLN B 29 3.59 9.39 3.47
N ALA B 30 3.25 8.59 4.49
CA ALA B 30 2.34 7.48 4.33
C ALA B 30 1.16 7.65 5.27
N THR B 31 -0.03 7.32 4.77
CA THR B 31 -1.24 7.38 5.58
C THR B 31 -1.47 6.10 6.37
N THR B 32 -0.94 4.97 5.89
CA THR B 32 -1.08 3.69 6.57
C THR B 32 0.30 3.05 6.69
N MET B 33 0.61 2.56 7.88
CA MET B 33 1.87 1.87 8.14
C MET B 33 1.57 0.61 8.93
N PHE B 34 1.94 -0.54 8.36
CA PHE B 34 1.63 -1.82 8.97
C PHE B 34 2.63 -2.15 10.07
N TRP B 35 2.22 -3.04 10.98
CA TRP B 35 3.07 -3.53 12.06
C TRP B 35 3.02 -5.04 12.07
N TYR B 36 4.18 -5.68 11.94
CA TYR B 36 4.29 -7.13 11.90
C TYR B 36 5.05 -7.63 13.12
N ARG B 37 5.11 -8.95 13.25
CA ARG B 37 5.83 -9.61 14.32
C ARG B 37 6.22 -11.01 13.87
N GLN B 38 7.49 -11.36 14.04
CA GLN B 38 7.98 -12.67 13.65
C GLN B 38 8.73 -13.31 14.82
N PHE B 39 8.45 -14.58 15.05
CA PHE B 39 9.00 -15.36 16.13
C PHE B 39 10.31 -16.02 15.70
N PRO B 40 11.14 -16.48 16.65
CA PRO B 40 12.48 -16.96 16.27
C PRO B 40 12.49 -18.07 15.23
N LYS B 41 11.47 -18.92 15.19
CA LYS B 41 11.42 -20.03 14.25
C LYS B 41 10.19 -20.02 13.36
N GLN B 42 9.26 -19.10 13.56
CA GLN B 42 8.00 -19.09 12.85
C GLN B 42 8.04 -18.06 11.72
N SER B 43 6.88 -17.78 11.13
CA SER B 43 6.77 -16.89 9.99
C SER B 43 6.22 -15.53 10.41
N LEU B 44 6.03 -14.65 9.43
CA LEU B 44 5.54 -13.31 9.70
C LEU B 44 4.09 -13.33 10.14
N MET B 45 3.74 -12.37 11.00
CA MET B 45 2.38 -12.22 11.51
C MET B 45 2.06 -10.73 11.55
N LEU B 46 1.05 -10.31 10.80
CA LEU B 46 0.61 -8.92 10.82
C LEU B 46 -0.16 -8.65 12.10
N MET B 47 0.29 -7.66 12.88
CA MET B 47 -0.35 -7.35 14.16
C MET B 47 -1.51 -6.37 13.98
N ALA B 48 -1.24 -5.21 13.38
CA ALA B 48 -2.28 -4.20 13.20
C ALA B 48 -1.89 -3.30 12.04
N THR B 49 -2.86 -2.50 11.60
CA THR B 49 -2.68 -1.55 10.51
C THR B 49 -3.15 -0.18 10.99
N SER B 50 -2.20 0.74 11.18
CA SER B 50 -2.54 2.08 11.62
C SER B 50 -2.95 2.96 10.44
N ASN B 51 -3.83 3.91 10.70
CA ASN B 51 -4.28 4.86 9.71
C ASN B 51 -4.17 6.27 10.27
N GLU B 52 -3.91 7.23 9.38
CA GLU B 52 -3.65 8.59 9.81
C GLU B 52 -4.92 9.22 10.37
N GLY B 53 -4.86 9.66 11.62
CA GLY B 53 -5.99 10.33 12.23
C GLY B 53 -7.20 9.46 12.46
N SER B 54 -7.04 8.14 12.37
CA SER B 54 -8.15 7.22 12.55
C SER B 54 -7.77 6.10 13.50
N LYS B 55 -8.64 5.10 13.63
CA LYS B 55 -8.36 3.96 14.48
C LYS B 55 -7.50 2.94 13.75
N ALA B 56 -6.74 2.17 14.52
CA ALA B 56 -5.86 1.16 13.96
C ALA B 56 -6.64 -0.13 13.72
N THR B 57 -6.48 -0.71 12.54
CA THR B 57 -7.14 -1.96 12.19
C THR B 57 -6.33 -3.12 12.76
N TYR B 58 -6.62 -3.46 14.01
CA TYR B 58 -5.93 -4.56 14.66
C TYR B 58 -6.36 -5.89 14.05
N GLU B 59 -5.38 -6.73 13.73
CA GLU B 59 -5.67 -8.06 13.23
C GLU B 59 -6.12 -8.96 14.38
N GLN B 60 -6.56 -10.18 14.03
CA GLN B 60 -7.06 -11.10 15.03
C GLN B 60 -5.92 -11.65 15.88
N GLY B 61 -6.09 -11.58 17.20
CA GLY B 61 -5.12 -12.12 18.14
C GLY B 61 -4.48 -11.09 19.05
N VAL B 62 -4.44 -9.82 18.65
CA VAL B 62 -3.80 -8.77 19.43
C VAL B 62 -4.85 -8.01 20.23
N GLU B 63 -4.43 -7.44 21.35
CA GLU B 63 -5.29 -6.63 22.20
C GLU B 63 -4.86 -5.18 22.11
N LYS B 64 -5.82 -4.29 21.80
CA LYS B 64 -5.51 -2.87 21.67
C LYS B 64 -5.07 -2.26 22.99
N ASP B 65 -5.46 -2.84 24.12
CA ASP B 65 -4.99 -2.40 25.42
C ASP B 65 -3.62 -2.97 25.76
N LYS B 66 -3.08 -3.85 24.92
CA LYS B 66 -1.75 -4.41 25.10
C LYS B 66 -0.72 -3.78 24.17
N PHE B 67 -1.11 -3.41 22.96
CA PHE B 67 -0.23 -2.78 21.97
C PHE B 67 -0.88 -1.48 21.50
N LEU B 68 -0.60 -0.40 22.23
CA LEU B 68 -1.11 0.91 21.83
C LEU B 68 -0.37 1.40 20.60
N ILE B 69 -1.12 1.84 19.59
CA ILE B 69 -0.57 2.30 18.32
C ILE B 69 -1.07 3.71 18.06
N ASN B 70 -0.17 4.60 17.67
CA ASN B 70 -0.49 6.00 17.42
C ASN B 70 0.12 6.42 16.09
N HIS B 71 -0.73 6.83 15.16
CA HIS B 71 -0.28 7.37 13.87
C HIS B 71 -0.24 8.89 13.99
N ALA B 72 0.82 9.37 14.65
CA ALA B 72 0.89 10.77 15.03
C ALA B 72 0.92 11.69 13.82
N SER B 73 1.72 11.33 12.81
CA SER B 73 1.88 12.16 11.63
C SER B 73 1.93 11.27 10.39
N LEU B 74 1.94 11.93 9.23
CA LEU B 74 2.12 11.21 7.97
C LEU B 74 3.49 10.54 7.89
N THR B 75 4.46 11.01 8.66
CA THR B 75 5.80 10.46 8.70
C THR B 75 6.00 9.46 9.82
N LEU B 76 5.38 9.67 10.97
CA LEU B 76 5.63 8.85 12.16
C LEU B 76 4.43 7.96 12.47
N SER B 77 4.73 6.71 12.80
CA SER B 77 3.75 5.77 13.34
C SER B 77 4.47 4.93 14.39
N THR B 78 3.95 4.91 15.61
CA THR B 78 4.62 4.29 16.73
C THR B 78 3.77 3.17 17.32
N LEU B 79 4.45 2.09 17.73
CA LEU B 79 3.82 0.98 18.42
C LEU B 79 4.40 0.89 19.82
N THR B 80 3.52 0.68 20.81
CA THR B 80 3.92 0.69 22.22
C THR B 80 3.48 -0.60 22.88
N VAL B 81 4.44 -1.38 23.37
CA VAL B 81 4.16 -2.56 24.17
C VAL B 81 3.92 -2.09 25.60
N THR B 82 2.66 -2.10 26.03
CA THR B 82 2.28 -1.48 27.29
C THR B 82 2.86 -2.25 28.48
N SER B 83 2.51 -3.53 28.60
CA SER B 83 2.94 -4.37 29.72
C SER B 83 3.94 -5.38 29.20
N ALA B 84 5.19 -5.27 29.64
CA ALA B 84 6.22 -6.19 29.20
C ALA B 84 6.03 -7.56 29.83
N HIS B 85 6.24 -8.61 29.04
CA HIS B 85 6.12 -9.98 29.49
C HIS B 85 7.10 -10.82 28.68
N PRO B 86 7.71 -11.84 29.29
CA PRO B 86 8.65 -12.69 28.54
C PRO B 86 8.05 -13.29 27.28
N GLU B 87 6.74 -13.49 27.22
CA GLU B 87 6.11 -13.99 26.01
C GLU B 87 6.11 -12.96 24.89
N ASP B 88 6.28 -11.68 25.22
CA ASP B 88 6.31 -10.62 24.21
C ASP B 88 7.63 -10.58 23.44
N SER B 89 8.63 -11.37 23.85
CA SER B 89 9.92 -11.37 23.18
C SER B 89 9.78 -11.92 21.77
N SER B 90 9.97 -11.06 20.78
CA SER B 90 9.86 -11.44 19.37
C SER B 90 10.65 -10.45 18.53
N PHE B 91 10.44 -10.48 17.22
CA PHE B 91 11.11 -9.60 16.26
C PHE B 91 10.03 -8.75 15.60
N TYR B 92 9.93 -7.49 16.03
CA TYR B 92 8.88 -6.60 15.56
C TYR B 92 9.38 -5.80 14.35
N ILE B 93 8.67 -5.91 13.25
CA ILE B 93 8.96 -5.17 12.03
C ILE B 93 7.76 -4.31 11.67
N CYS B 94 8.01 -3.21 10.98
CA CYS B 94 6.97 -2.36 10.45
C CYS B 94 7.20 -2.15 8.96
N SER B 95 6.12 -1.86 8.25
CA SER B 95 6.19 -1.59 6.81
C SER B 95 5.32 -0.39 6.49
N ALA B 96 5.54 0.18 5.31
CA ALA B 96 4.78 1.33 4.85
C ALA B 96 4.76 1.34 3.33
N ARG B 97 3.58 1.57 2.76
CA ARG B 97 3.43 1.68 1.32
C ARG B 97 3.57 3.12 0.87
N ASP B 98 4.16 3.29 -0.32
CA ASP B 98 4.26 4.60 -0.96
C ASP B 98 3.58 4.47 -2.32
N PRO B 99 2.27 4.72 -2.39
CA PRO B 99 1.57 4.58 -3.69
C PRO B 99 1.95 5.64 -4.70
N GLY B 100 2.34 6.83 -4.26
CA GLY B 100 2.65 7.91 -5.17
C GLY B 100 4.07 7.87 -5.73
N GLY B 101 5.02 7.47 -4.88
CA GLY B 101 6.41 7.38 -5.30
C GLY B 101 6.94 5.97 -5.10
N GLY B 102 7.90 5.60 -5.93
CA GLY B 102 8.49 4.28 -5.85
C GLY B 102 8.11 3.43 -7.05
N GLY B 103 8.90 2.36 -7.26
CA GLY B 103 8.71 1.51 -8.41
C GLY B 103 7.41 0.74 -8.43
N SER B 104 6.77 0.58 -7.28
CA SER B 104 5.54 -0.19 -7.19
C SER B 104 4.55 0.50 -6.25
N SER B 105 3.27 0.40 -6.58
CA SER B 105 2.24 0.93 -5.70
C SER B 105 1.99 0.02 -4.50
N TYR B 106 2.21 -1.28 -4.67
CA TYR B 106 1.94 -2.26 -3.63
C TYR B 106 3.14 -2.57 -2.76
N GLU B 107 4.33 -2.07 -3.13
CA GLU B 107 5.56 -2.40 -2.42
C GLU B 107 5.55 -1.90 -1.00
N GLN B 108 5.54 -2.81 -0.03
CA GLN B 108 5.64 -2.46 1.38
C GLN B 108 7.12 -2.38 1.78
N TYR B 109 7.56 -1.20 2.16
CA TYR B 109 8.95 -0.97 2.55
C TYR B 109 9.10 -1.27 4.04
N PHE B 110 9.75 -2.39 4.36
CA PHE B 110 9.93 -2.78 5.74
C PHE B 110 11.12 -2.06 6.36
N GLY B 111 11.06 -1.90 7.70
CA GLY B 111 12.13 -1.28 8.43
C GLY B 111 13.22 -2.26 8.78
N PRO B 112 14.28 -1.74 9.41
CA PRO B 112 15.40 -2.60 9.81
C PRO B 112 15.00 -3.68 10.80
N GLY B 113 13.91 -3.49 11.55
CA GLY B 113 13.47 -4.47 12.51
C GLY B 113 13.83 -4.08 13.94
N THR B 114 13.14 -4.74 14.89
CA THR B 114 13.34 -4.48 16.31
C THR B 114 13.43 -5.81 17.04
N ARG B 115 14.58 -6.07 17.64
CA ARG B 115 14.77 -7.26 18.48
C ARG B 115 14.46 -6.90 19.92
N LEU B 116 13.46 -7.56 20.50
CA LEU B 116 13.00 -7.28 21.84
C LEU B 116 13.08 -8.53 22.70
N THR B 117 13.47 -8.34 23.96
CA THR B 117 13.56 -9.45 24.91
C THR B 117 13.19 -8.93 26.29
N VAL B 118 12.10 -9.46 26.86
CA VAL B 118 11.66 -9.10 28.19
C VAL B 118 12.10 -10.18 29.16
N THR B 119 12.70 -9.75 30.27
CA THR B 119 13.15 -10.66 31.32
C THR B 119 12.48 -10.30 32.64
N GLU B 120 12.35 -11.28 33.52
CA GLU B 120 11.78 -11.06 34.84
C GLU B 120 12.76 -10.40 35.80
N ASP B 121 14.04 -10.33 35.43
CA ASP B 121 15.05 -9.73 36.30
C ASP B 121 16.24 -9.35 35.43
N LEU B 122 16.65 -8.08 35.49
CA LEU B 122 17.82 -7.64 34.74
C LEU B 122 19.11 -8.29 35.23
N ASN B 123 19.09 -8.96 36.38
CA ASN B 123 20.24 -9.70 36.84
C ASN B 123 20.56 -10.90 35.95
N LYS B 124 19.62 -11.30 35.08
CA LYS B 124 19.89 -12.36 34.12
C LYS B 124 20.76 -11.88 32.97
N VAL B 125 20.78 -10.58 32.70
CA VAL B 125 21.56 -10.04 31.60
C VAL B 125 23.04 -10.21 31.89
N PHE B 126 23.76 -10.81 30.95
CA PHE B 126 25.20 -11.06 31.07
C PHE B 126 25.86 -10.75 29.74
N PRO B 127 27.10 -10.26 29.77
CA PRO B 127 27.82 -9.99 28.52
C PRO B 127 28.45 -11.25 27.97
N PRO B 128 28.73 -11.29 26.67
CA PRO B 128 29.33 -12.50 26.08
C PRO B 128 30.82 -12.58 26.37
N GLU B 129 31.29 -13.81 26.58
CA GLU B 129 32.72 -14.09 26.78
C GLU B 129 33.27 -14.65 25.48
N VAL B 130 34.13 -13.87 24.83
CA VAL B 130 34.65 -14.22 23.51
C VAL B 130 35.97 -14.96 23.68
N ALA B 131 36.21 -15.92 22.78
CA ALA B 131 37.45 -16.69 22.77
C ALA B 131 37.70 -17.18 21.34
N VAL B 132 38.97 -17.19 20.95
CA VAL B 132 39.39 -17.62 19.62
C VAL B 132 40.29 -18.84 19.77
N PHE B 133 39.96 -19.91 19.05
CA PHE B 133 40.71 -21.16 19.09
C PHE B 133 41.54 -21.29 17.82
N GLU B 134 42.83 -21.58 17.99
CA GLU B 134 43.75 -21.62 16.88
C GLU B 134 43.53 -22.89 16.04
N PRO B 135 43.78 -22.84 14.74
CA PRO B 135 43.58 -24.02 13.89
C PRO B 135 44.51 -25.15 14.27
N SER B 136 44.22 -26.32 13.71
CA SER B 136 44.99 -27.54 13.97
C SER B 136 45.97 -27.77 12.84
N GLU B 137 47.24 -28.01 13.20
CA GLU B 137 48.25 -28.32 12.20
C GLU B 137 47.99 -29.64 11.49
N ALA B 138 47.23 -30.54 12.12
CA ALA B 138 46.81 -31.76 11.43
C ALA B 138 45.91 -31.42 10.25
N GLU B 139 45.08 -30.38 10.39
CA GLU B 139 44.28 -29.91 9.27
C GLU B 139 45.16 -29.21 8.23
N ILE B 140 46.16 -28.47 8.69
CA ILE B 140 47.03 -27.73 7.78
C ILE B 140 47.81 -28.67 6.88
N SER B 141 48.36 -29.75 7.46
CA SER B 141 49.13 -30.71 6.69
C SER B 141 48.26 -31.64 5.87
N HIS B 142 46.95 -31.62 6.05
CA HIS B 142 46.04 -32.52 5.36
C HIS B 142 45.34 -31.86 4.18
N THR B 143 44.76 -30.68 4.38
CA THR B 143 44.01 -29.98 3.34
C THR B 143 44.62 -28.64 2.96
N GLN B 144 45.79 -28.30 3.50
CA GLN B 144 46.46 -27.04 3.20
C GLN B 144 45.60 -25.82 3.55
N LYS B 145 44.72 -25.97 4.53
CA LYS B 145 43.83 -24.91 4.95
C LYS B 145 43.85 -24.79 6.47
N ALA B 146 43.55 -23.59 6.96
CA ALA B 146 43.54 -23.31 8.39
C ALA B 146 42.22 -22.65 8.74
N THR B 147 41.48 -23.25 9.68
CA THR B 147 40.17 -22.78 10.09
C THR B 147 40.23 -22.30 11.53
N LEU B 148 39.87 -21.04 11.75
CA LEU B 148 39.76 -20.48 13.09
C LEU B 148 38.29 -20.43 13.50
N VAL B 149 38.03 -20.76 14.75
CA VAL B 149 36.67 -20.76 15.29
C VAL B 149 36.61 -19.81 16.47
N CYS B 150 35.50 -19.10 16.60
CA CYS B 150 35.25 -18.17 17.70
C CYS B 150 34.10 -18.67 18.54
N LEU B 151 34.15 -18.39 19.84
CA LEU B 151 33.15 -18.89 20.77
C LEU B 151 32.80 -17.77 21.75
N ALA B 152 31.66 -17.12 21.52
CA ALA B 152 31.11 -16.12 22.43
C ALA B 152 30.06 -16.80 23.28
N THR B 153 30.33 -16.92 24.59
CA THR B 153 29.46 -17.66 25.50
C THR B 153 29.02 -16.77 26.65
N GLY B 154 27.83 -17.08 27.18
CA GLY B 154 27.36 -16.44 28.39
C GLY B 154 26.63 -15.12 28.21
N PHE B 155 25.92 -14.94 27.11
CA PHE B 155 25.13 -13.74 26.88
C PHE B 155 23.65 -14.11 26.85
N PHE B 156 22.84 -13.36 27.59
CA PHE B 156 21.41 -13.69 27.73
C PHE B 156 20.52 -12.92 26.76
N PRO B 157 20.66 -11.59 26.61
CA PRO B 157 19.73 -10.86 25.73
C PRO B 157 19.76 -11.35 24.28
N ASP B 158 20.80 -12.05 23.86
CA ASP B 158 20.90 -12.61 22.51
C ASP B 158 20.80 -11.50 21.45
N HIS B 159 21.44 -10.36 21.74
CA HIS B 159 21.50 -9.23 20.82
C HIS B 159 22.96 -8.99 20.46
N VAL B 160 23.52 -9.90 19.65
CA VAL B 160 24.94 -9.88 19.33
C VAL B 160 25.13 -9.82 17.82
N GLU B 161 26.25 -9.25 17.41
CA GLU B 161 26.68 -9.22 16.01
C GLU B 161 28.15 -9.59 15.96
N LEU B 162 28.46 -10.74 15.38
CA LEU B 162 29.82 -11.26 15.32
C LEU B 162 30.46 -10.86 13.99
N SER B 163 31.75 -10.53 14.05
CA SER B 163 32.52 -10.19 12.87
C SER B 163 33.96 -10.62 13.06
N TRP B 164 34.61 -10.97 11.95
CA TRP B 164 36.01 -11.37 11.95
C TRP B 164 36.88 -10.27 11.37
N TRP B 165 38.06 -10.09 11.95
CA TRP B 165 38.99 -9.05 11.54
C TRP B 165 40.38 -9.65 11.36
N VAL B 166 40.99 -9.39 10.20
CA VAL B 166 42.31 -9.88 9.88
C VAL B 166 43.22 -8.67 9.71
N ASN B 167 44.20 -8.54 10.60
CA ASN B 167 45.17 -7.43 10.58
C ASN B 167 44.45 -6.08 10.66
N GLY B 168 43.36 -6.03 11.41
CA GLY B 168 42.68 -4.78 11.69
C GLY B 168 41.59 -4.38 10.72
N LYS B 169 41.17 -5.29 9.82
CA LYS B 169 40.12 -4.97 8.85
C LYS B 169 39.19 -6.17 8.72
N GLU B 170 37.91 -5.87 8.52
CA GLU B 170 36.88 -6.90 8.54
C GLU B 170 36.90 -7.71 7.25
N VAL B 171 36.70 -9.01 7.38
CA VAL B 171 36.66 -9.93 6.25
C VAL B 171 35.23 -10.40 6.05
N HIS B 172 34.84 -10.57 4.79
CA HIS B 172 33.52 -11.09 4.43
C HIS B 172 33.60 -12.35 3.58
N SER B 173 34.78 -12.98 3.51
CA SER B 173 34.97 -14.21 2.75
C SER B 173 35.50 -15.29 3.68
N GLY B 174 35.03 -16.52 3.47
CA GLY B 174 35.43 -17.62 4.32
C GLY B 174 34.94 -17.51 5.75
N VAL B 175 33.84 -16.80 5.96
CA VAL B 175 33.27 -16.58 7.29
C VAL B 175 31.85 -17.12 7.30
N CYS B 176 31.50 -17.84 8.36
CA CYS B 176 30.15 -18.34 8.53
C CYS B 176 29.84 -18.47 10.02
N THR B 177 28.76 -17.85 10.46
CA THR B 177 28.32 -17.89 11.84
C THR B 177 27.08 -18.76 11.97
N ASP B 178 26.87 -19.32 13.15
CA ASP B 178 25.68 -20.11 13.39
C ASP B 178 24.43 -19.24 13.20
N PRO B 179 23.39 -19.75 12.56
CA PRO B 179 22.19 -18.93 12.33
C PRO B 179 21.33 -18.81 13.58
N GLN B 180 21.41 -19.80 14.46
CA GLN B 180 20.66 -19.81 15.70
C GLN B 180 21.62 -20.08 16.86
N PRO B 181 21.78 -19.15 17.80
CA PRO B 181 22.62 -19.43 18.97
C PRO B 181 21.93 -20.43 19.89
N LEU B 182 22.67 -21.44 20.29
CA LEU B 182 22.13 -22.49 21.14
C LEU B 182 22.24 -22.11 22.61
N LYS B 183 21.38 -22.71 23.43
CA LYS B 183 21.33 -22.40 24.85
C LYS B 183 22.38 -23.19 25.61
N GLU B 184 23.00 -22.55 26.61
CA GLU B 184 23.99 -23.25 27.41
C GLU B 184 23.36 -24.21 28.40
N GLN B 185 22.11 -23.94 28.80
CA GLN B 185 21.39 -24.80 29.73
C GLN B 185 19.92 -24.81 29.34
N PRO B 186 19.50 -25.75 28.48
CA PRO B 186 18.07 -25.85 28.13
C PRO B 186 17.21 -26.22 29.32
N ALA B 187 15.90 -26.32 29.09
CA ALA B 187 14.91 -26.58 30.13
C ALA B 187 14.93 -25.52 31.23
N LEU B 188 15.46 -24.34 30.92
CA LEU B 188 15.47 -23.20 31.82
C LEU B 188 14.78 -22.02 31.15
N ASN B 189 14.10 -21.20 31.95
CA ASN B 189 13.33 -20.10 31.40
C ASN B 189 14.23 -19.05 30.76
N ASP B 190 15.24 -18.59 31.50
CA ASP B 190 16.17 -17.56 31.04
C ASP B 190 17.57 -18.17 31.02
N SER B 191 17.88 -18.88 29.94
CA SER B 191 19.18 -19.53 29.79
C SER B 191 20.15 -18.61 29.05
N ARG B 192 21.43 -18.79 29.36
CA ARG B 192 22.48 -18.05 28.66
C ARG B 192 22.76 -18.69 27.31
N TYR B 193 23.06 -17.85 26.32
CA TYR B 193 23.27 -18.30 24.95
C TYR B 193 24.76 -18.38 24.64
N ALA B 194 25.06 -18.96 23.47
CA ALA B 194 26.43 -19.08 23.00
C ALA B 194 26.40 -19.20 21.48
N LEU B 195 27.22 -18.38 20.81
CA LEU B 195 27.27 -18.33 19.35
C LEU B 195 28.68 -18.67 18.88
N SER B 196 28.76 -19.37 17.75
CA SER B 196 30.03 -19.82 17.20
C SER B 196 30.15 -19.41 15.75
N SER B 197 31.31 -18.88 15.37
CA SER B 197 31.60 -18.52 13.99
C SER B 197 32.95 -19.12 13.60
N ARG B 198 33.12 -19.35 12.30
CA ARG B 198 34.30 -20.02 11.78
C ARG B 198 34.93 -19.15 10.69
N LEU B 199 36.25 -19.02 10.74
CA LEU B 199 37.02 -18.31 9.72
C LEU B 199 38.07 -19.27 9.18
N ARG B 200 37.90 -19.73 7.95
CA ARG B 200 38.86 -20.60 7.28
C ARG B 200 39.69 -19.76 6.32
N VAL B 201 41.01 -19.80 6.48
CA VAL B 201 41.93 -19.09 5.61
C VAL B 201 42.92 -20.11 5.04
N SER B 202 43.70 -19.65 4.06
CA SER B 202 44.74 -20.50 3.50
C SER B 202 45.82 -20.78 4.53
N ALA B 203 46.57 -21.85 4.29
CA ALA B 203 47.63 -22.22 5.23
C ALA B 203 48.72 -21.17 5.30
N THR B 204 48.95 -20.44 4.21
CA THR B 204 50.01 -19.43 4.18
C THR B 204 49.68 -18.21 5.03
N PHE B 205 48.39 -17.95 5.26
CA PHE B 205 48.01 -16.76 6.03
C PHE B 205 48.20 -16.97 7.52
N TRP B 206 47.75 -18.12 8.04
CA TRP B 206 47.92 -18.41 9.46
C TRP B 206 49.37 -18.63 9.84
N GLN B 207 50.22 -19.04 8.90
CA GLN B 207 51.61 -19.36 9.17
C GLN B 207 52.53 -18.16 9.08
N ASN B 208 52.00 -16.95 8.97
CA ASN B 208 52.79 -15.73 9.10
C ASN B 208 52.67 -15.22 10.53
N PRO B 209 53.77 -15.17 11.29
CA PRO B 209 53.66 -14.70 12.68
C PRO B 209 53.20 -13.26 12.80
N ARG B 210 53.32 -12.46 11.75
CA ARG B 210 52.92 -11.07 11.76
C ARG B 210 51.44 -10.89 11.41
N ASN B 211 50.69 -11.97 11.25
CA ASN B 211 49.26 -11.88 10.94
C ASN B 211 48.45 -11.88 12.22
N HIS B 212 47.46 -10.99 12.29
CA HIS B 212 46.63 -10.81 13.47
C HIS B 212 45.20 -11.18 13.12
N PHE B 213 44.60 -12.05 13.93
CA PHE B 213 43.22 -12.49 13.75
C PHE B 213 42.43 -12.06 14.98
N ARG B 214 41.25 -11.47 14.75
CA ARG B 214 40.43 -10.96 15.84
C ARG B 214 38.96 -11.29 15.57
N CYS B 215 38.26 -11.68 16.63
CA CYS B 215 36.83 -11.99 16.57
C CYS B 215 36.10 -10.98 17.46
N GLN B 216 35.28 -10.13 16.83
CA GLN B 216 34.57 -9.08 17.54
C GLN B 216 33.10 -9.46 17.68
N VAL B 217 32.57 -9.29 18.89
CA VAL B 217 31.17 -9.59 19.20
C VAL B 217 30.56 -8.33 19.79
N GLN B 218 29.71 -7.65 19.01
CA GLN B 218 29.02 -6.45 19.47
C GLN B 218 27.80 -6.87 20.27
N PHE B 219 27.81 -6.59 21.57
CA PHE B 219 26.70 -6.93 22.45
C PHE B 219 25.84 -5.70 22.71
N TYR B 220 24.55 -5.82 22.45
CA TYR B 220 23.58 -4.75 22.70
C TYR B 220 22.81 -5.10 23.97
N GLY B 221 23.05 -4.35 25.04
CA GLY B 221 22.44 -4.66 26.32
C GLY B 221 21.80 -3.47 27.01
N LEU B 222 22.24 -3.18 28.23
CA LEU B 222 21.64 -2.12 29.02
C LEU B 222 22.06 -0.75 28.50
N SER B 223 21.58 0.29 29.17
CA SER B 223 21.88 1.68 28.84
C SER B 223 22.22 2.43 30.11
N GLU B 224 22.44 3.75 29.98
CA GLU B 224 22.74 4.56 31.15
C GLU B 224 21.52 4.71 32.04
N ASN B 225 20.34 4.87 31.45
CA ASN B 225 19.11 5.01 32.22
C ASN B 225 18.56 3.63 32.61
N ASP B 226 19.43 2.78 33.15
CA ASP B 226 19.04 1.47 33.63
C ASP B 226 19.50 1.30 35.07
N GLU B 227 18.81 0.43 35.81
CA GLU B 227 19.08 0.19 37.21
C GLU B 227 19.91 -1.07 37.36
N TRP B 228 21.13 -0.91 37.89
CA TRP B 228 22.04 -2.02 38.13
C TRP B 228 22.47 -1.97 39.59
N THR B 229 22.03 -2.94 40.39
CA THR B 229 22.30 -2.97 41.82
C THR B 229 22.99 -4.27 42.23
N GLN B 230 23.82 -4.83 41.35
CA GLN B 230 24.52 -6.07 41.63
C GLN B 230 26.02 -5.82 41.78
N ASP B 231 26.73 -6.84 42.28
CA ASP B 231 28.15 -6.69 42.57
C ASP B 231 28.97 -6.65 41.28
N ARG B 232 28.67 -7.51 40.32
CA ARG B 232 29.46 -7.59 39.11
C ARG B 232 29.17 -6.39 38.20
N ALA B 233 29.93 -6.29 37.11
CA ALA B 233 29.85 -5.14 36.22
C ALA B 233 28.47 -5.07 35.55
N LYS B 234 28.11 -3.85 35.17
CA LYS B 234 26.82 -3.62 34.52
C LYS B 234 26.90 -4.00 33.05
N PRO B 235 26.13 -4.98 32.59
CA PRO B 235 26.20 -5.37 31.17
C PRO B 235 25.59 -4.35 30.24
N VAL B 236 26.29 -3.26 30.00
CA VAL B 236 25.83 -2.23 29.08
C VAL B 236 26.19 -2.65 27.65
N THR B 237 25.65 -1.95 26.66
CA THR B 237 26.02 -2.20 25.28
C THR B 237 27.52 -2.04 25.10
N GLN B 238 28.19 -3.11 24.70
CA GLN B 238 29.65 -3.14 24.68
C GLN B 238 30.14 -3.96 23.49
N ILE B 239 31.45 -3.87 23.25
CA ILE B 239 32.12 -4.63 22.20
C ILE B 239 33.22 -5.46 22.86
N VAL B 240 33.10 -6.78 22.77
CA VAL B 240 34.06 -7.71 23.35
C VAL B 240 34.75 -8.45 22.22
N SER B 241 36.08 -8.49 22.27
CA SER B 241 36.89 -9.10 21.23
C SER B 241 37.91 -10.04 21.81
N ALA B 242 38.23 -11.09 21.06
CA ALA B 242 39.32 -12.01 21.36
C ALA B 242 40.21 -12.13 20.13
N GLU B 243 41.51 -12.27 20.34
CA GLU B 243 42.47 -12.22 19.26
C GLU B 243 43.40 -13.42 19.32
N ALA B 244 44.17 -13.58 18.25
CA ALA B 244 45.16 -14.66 18.13
C ALA B 244 46.12 -14.36 16.98
N TRP B 245 47.42 -14.34 17.26
CA TRP B 245 48.40 -14.11 16.22
C TRP B 245 48.74 -15.41 15.50
N GLY B 246 49.35 -15.25 14.32
CA GLY B 246 49.72 -16.41 13.54
C GLY B 246 50.89 -17.16 14.14
N ARG B 247 51.05 -18.41 13.71
CA ARG B 247 52.11 -19.29 14.19
C ARG B 247 52.84 -19.91 13.01
N ALA B 248 54.17 -19.85 13.03
CA ALA B 248 55.02 -20.43 12.00
C ALA B 248 55.77 -21.60 12.62
N ASP B 249 55.14 -22.77 12.63
CA ASP B 249 55.75 -23.98 13.16
C ASP B 249 55.89 -25.05 12.08
N ILE C 1 -13.02 11.04 -27.59
CA ILE C 1 -13.00 9.61 -27.29
C ILE C 1 -14.41 9.03 -27.37
N LYS C 2 -14.58 8.00 -28.20
CA LYS C 2 -15.86 7.34 -28.33
C LYS C 2 -16.09 6.42 -27.15
N ALA C 3 -17.29 6.47 -26.58
CA ALA C 3 -17.63 5.64 -25.43
C ALA C 3 -19.14 5.58 -25.28
N ASP C 4 -19.61 4.43 -24.79
CA ASP C 4 -21.02 4.27 -24.44
C ASP C 4 -21.29 4.62 -22.98
N HIS C 5 -20.31 4.44 -22.10
CA HIS C 5 -20.42 4.81 -20.71
C HIS C 5 -19.05 5.26 -20.22
N VAL C 6 -19.02 6.29 -19.38
CA VAL C 6 -17.78 6.88 -18.88
C VAL C 6 -17.81 6.85 -17.36
N SER C 7 -16.83 6.17 -16.77
CA SER C 7 -16.66 6.12 -15.32
C SER C 7 -15.38 6.88 -14.97
N THR C 8 -15.52 7.92 -14.13
CA THR C 8 -14.43 8.84 -13.85
C THR C 8 -14.23 9.00 -12.36
N TYR C 9 -12.98 8.97 -11.92
CA TYR C 9 -12.59 9.33 -10.56
C TYR C 9 -12.14 10.79 -10.56
N ALA C 10 -12.79 11.62 -9.76
CA ALA C 10 -12.47 13.04 -9.67
C ALA C 10 -12.12 13.39 -8.23
N ALA C 11 -11.08 14.21 -8.08
CA ALA C 11 -10.63 14.64 -6.76
C ALA C 11 -9.86 15.94 -6.91
N PHE C 12 -9.91 16.77 -5.87
CA PHE C 12 -9.18 18.03 -5.86
C PHE C 12 -8.83 18.41 -4.43
N VAL C 13 -7.76 19.18 -4.29
CA VAL C 13 -7.34 19.73 -3.01
C VAL C 13 -6.94 21.18 -3.23
N GLN C 14 -7.38 22.05 -2.32
CA GLN C 14 -7.12 23.49 -2.46
C GLN C 14 -6.78 24.08 -1.09
N THR C 15 -6.53 25.40 -1.08
CA THR C 15 -6.13 26.09 0.13
C THR C 15 -7.32 26.33 1.05
N HIS C 16 -8.39 26.90 0.52
CA HIS C 16 -9.57 27.22 1.32
C HIS C 16 -10.53 26.03 1.36
N ARG C 17 -11.63 26.21 2.10
CA ARG C 17 -12.63 25.16 2.26
C ARG C 17 -13.55 25.13 1.03
N PRO C 18 -13.88 23.94 0.52
CA PRO C 18 -13.40 22.64 1.01
C PRO C 18 -11.98 22.33 0.57
N THR C 19 -11.12 21.97 1.53
CA THR C 19 -9.72 21.69 1.22
C THR C 19 -9.51 20.37 0.48
N GLY C 20 -10.57 19.60 0.25
CA GLY C 20 -10.42 18.34 -0.46
C GLY C 20 -11.71 17.60 -0.71
N GLU C 21 -11.79 16.94 -1.87
CA GLU C 21 -12.92 16.07 -2.20
C GLU C 21 -12.39 14.87 -2.97
N PHE C 22 -13.10 13.75 -2.86
CA PHE C 22 -12.78 12.53 -3.59
C PHE C 22 -14.09 11.85 -3.94
N MET C 23 -14.46 11.90 -5.23
CA MET C 23 -15.73 11.37 -5.69
C MET C 23 -15.52 10.47 -6.90
N PHE C 24 -16.60 9.81 -7.31
CA PHE C 24 -16.61 8.94 -8.48
C PHE C 24 -17.95 9.11 -9.17
N GLU C 25 -17.93 9.46 -10.45
CA GLU C 25 -19.14 9.71 -11.22
C GLU C 25 -19.28 8.69 -12.34
N PHE C 26 -20.52 8.30 -12.61
CA PHE C 26 -20.86 7.40 -13.71
C PHE C 26 -21.79 8.16 -14.65
N ASP C 27 -21.31 8.43 -15.87
CA ASP C 27 -22.04 9.23 -16.85
C ASP C 27 -22.43 10.59 -16.27
N GLU C 28 -21.43 11.26 -15.70
CA GLU C 28 -21.58 12.61 -15.16
C GLU C 28 -22.59 12.66 -14.01
N ASP C 29 -22.68 11.58 -13.24
CA ASP C 29 -23.56 11.50 -12.08
C ASP C 29 -22.77 10.95 -10.90
N GLU C 30 -22.63 11.74 -9.85
CA GLU C 30 -21.85 11.33 -8.68
C GLU C 30 -22.46 10.11 -8.02
N MET C 31 -21.72 9.00 -8.05
CA MET C 31 -22.20 7.75 -7.46
C MET C 31 -21.86 7.64 -5.99
N PHE C 32 -20.63 8.01 -5.59
CA PHE C 32 -20.24 7.99 -4.20
C PHE C 32 -19.05 8.91 -4.00
N TYR C 33 -18.73 9.15 -2.73
CA TYR C 33 -17.57 9.96 -2.38
C TYR C 33 -17.07 9.51 -1.02
N VAL C 34 -15.88 9.98 -0.66
CA VAL C 34 -15.24 9.67 0.61
C VAL C 34 -15.28 10.91 1.48
N ASP C 35 -16.02 10.85 2.58
CA ASP C 35 -16.04 11.93 3.56
C ASP C 35 -14.68 12.01 4.23
N LEU C 36 -13.89 13.04 3.88
CA LEU C 36 -12.54 13.16 4.41
C LEU C 36 -12.50 13.44 5.89
N ASP C 37 -13.62 13.84 6.50
CA ASP C 37 -13.66 14.11 7.94
C ASP C 37 -14.14 12.88 8.72
N LYS C 38 -15.25 12.28 8.31
CA LYS C 38 -15.72 11.06 8.94
C LYS C 38 -14.96 9.82 8.49
N LYS C 39 -14.20 9.92 7.39
CA LYS C 39 -13.38 8.81 6.89
C LYS C 39 -14.24 7.59 6.58
N GLU C 40 -15.34 7.82 5.87
CA GLU C 40 -16.26 6.77 5.44
C GLU C 40 -16.62 7.01 3.99
N THR C 41 -17.17 5.97 3.36
CA THR C 41 -17.66 6.06 1.99
C THR C 41 -19.15 6.32 2.01
N VAL C 42 -19.56 7.42 1.39
CA VAL C 42 -20.96 7.85 1.36
C VAL C 42 -21.51 7.61 -0.03
N TRP C 43 -22.57 6.81 -0.13
CA TRP C 43 -23.18 6.49 -1.40
C TRP C 43 -24.33 7.46 -1.70
N HIS C 44 -24.48 7.81 -2.98
CA HIS C 44 -25.57 8.69 -3.38
C HIS C 44 -26.92 8.07 -3.09
N LEU C 45 -27.22 6.95 -3.74
CA LEU C 45 -28.43 6.19 -3.48
C LEU C 45 -28.09 4.97 -2.64
N GLU C 46 -28.97 4.65 -1.69
CA GLU C 46 -28.76 3.49 -0.83
C GLU C 46 -28.71 2.19 -1.63
N GLU C 47 -29.29 2.17 -2.83
CA GLU C 47 -29.21 0.99 -3.68
C GLU C 47 -27.76 0.60 -3.96
N PHE C 48 -26.89 1.59 -4.14
CA PHE C 48 -25.51 1.31 -4.50
C PHE C 48 -24.75 0.66 -3.34
N GLY C 49 -24.98 1.12 -2.12
CA GLY C 49 -24.23 0.61 -0.99
C GLY C 49 -24.47 -0.85 -0.72
N GLN C 50 -25.66 -1.35 -1.07
CA GLN C 50 -25.99 -2.76 -0.87
C GLN C 50 -25.29 -3.67 -1.87
N ALA C 51 -24.89 -3.15 -3.02
CA ALA C 51 -24.28 -3.95 -4.07
C ALA C 51 -22.80 -3.69 -4.27
N PHE C 52 -22.26 -2.60 -3.73
CA PHE C 52 -20.87 -2.23 -3.95
C PHE C 52 -20.22 -1.88 -2.61
N SER C 53 -18.90 -1.70 -2.67
CA SER C 53 -18.12 -1.30 -1.51
C SER C 53 -16.84 -0.65 -2.00
N PHE C 54 -16.44 0.44 -1.35
CA PHE C 54 -15.23 1.17 -1.71
C PHE C 54 -14.40 1.41 -0.47
N GLU C 55 -13.10 1.14 -0.56
CA GLU C 55 -12.20 1.34 0.56
C GLU C 55 -11.99 2.84 0.78
N ALA C 56 -12.38 3.32 1.95
CA ALA C 56 -12.28 4.75 2.24
C ALA C 56 -10.83 5.22 2.20
N GLN C 57 -9.88 4.33 2.50
CA GLN C 57 -8.48 4.71 2.48
C GLN C 57 -7.96 4.94 1.06
N GLY C 58 -8.65 4.40 0.05
CA GLY C 58 -8.26 4.67 -1.32
C GLY C 58 -8.44 6.13 -1.71
N GLY C 59 -9.41 6.80 -1.11
CA GLY C 59 -9.61 8.21 -1.34
C GLY C 59 -8.78 9.08 -0.40
N LEU C 60 -8.67 8.64 0.85
CA LEU C 60 -7.88 9.39 1.83
C LEU C 60 -6.41 9.46 1.41
N ALA C 61 -5.86 8.34 0.94
CA ALA C 61 -4.45 8.33 0.54
C ALA C 61 -4.23 9.12 -0.75
N ASN C 62 -5.17 9.03 -1.70
CA ASN C 62 -5.05 9.80 -2.92
C ASN C 62 -5.14 11.29 -2.67
N ILE C 63 -5.93 11.70 -1.67
CA ILE C 63 -5.96 13.11 -1.29
C ILE C 63 -4.61 13.55 -0.76
N ALA C 64 -3.94 12.69 0.01
CA ALA C 64 -2.61 13.02 0.49
C ALA C 64 -1.60 13.12 -0.65
N ILE C 65 -1.77 12.29 -1.68
CA ILE C 65 -0.89 12.37 -2.84
C ILE C 65 -1.07 13.70 -3.56
N LEU C 66 -2.32 14.13 -3.74
CA LEU C 66 -2.56 15.39 -4.42
C LEU C 66 -2.12 16.59 -3.57
N ASN C 67 -2.09 16.43 -2.24
CA ASN C 67 -1.59 17.51 -1.40
C ASN C 67 -0.11 17.75 -1.62
N ASN C 68 0.68 16.68 -1.79
CA ASN C 68 2.08 16.84 -2.15
C ASN C 68 2.23 17.50 -3.52
N ASN C 69 1.44 17.02 -4.49
CA ASN C 69 1.51 17.60 -5.84
C ASN C 69 1.05 19.05 -5.84
N LEU C 70 0.20 19.43 -4.88
CA LEU C 70 -0.21 20.83 -4.79
C LEU C 70 0.96 21.71 -4.35
N ASN C 71 1.63 21.34 -3.26
CA ASN C 71 2.78 22.12 -2.81
C ASN C 71 3.90 22.11 -3.82
N THR C 72 4.08 21.01 -4.55
CA THR C 72 5.12 20.94 -5.57
C THR C 72 4.81 21.88 -6.73
N LEU C 73 3.57 21.86 -7.21
CA LEU C 73 3.19 22.72 -8.32
C LEU C 73 3.05 24.18 -7.91
N ILE C 74 2.95 24.47 -6.61
CA ILE C 74 2.94 25.85 -6.16
C ILE C 74 4.32 26.47 -6.34
N GLN C 75 5.38 25.71 -6.05
CA GLN C 75 6.74 26.23 -6.21
C GLN C 75 7.15 26.25 -7.68
N ARG C 76 6.85 25.18 -8.43
CA ARG C 76 7.27 25.13 -9.83
C ARG C 76 6.57 26.18 -10.68
N SER C 77 5.38 26.61 -10.29
CA SER C 77 4.64 27.62 -11.02
C SER C 77 4.87 29.03 -10.48
N ASN C 78 5.74 29.19 -9.49
CA ASN C 78 6.06 30.51 -8.92
C ASN C 78 4.82 31.18 -8.33
N HIS C 79 3.99 30.38 -7.65
CA HIS C 79 2.81 30.88 -6.94
C HIS C 79 1.85 31.62 -7.87
N THR C 80 1.50 30.98 -8.99
CA THR C 80 0.52 31.54 -9.91
C THR C 80 -0.87 31.06 -9.51
N GLN C 81 -1.74 32.02 -9.18
CA GLN C 81 -3.12 31.73 -8.81
C GLN C 81 -4.02 31.97 -10.02
N ALA C 82 -4.89 31.00 -10.31
CA ALA C 82 -5.74 31.09 -11.49
C ALA C 82 -6.79 32.17 -11.33
N THR C 83 -7.29 32.65 -12.47
CA THR C 83 -8.31 33.69 -12.48
C THR C 83 -9.64 33.15 -12.00
N ASN C 84 -10.44 34.03 -11.40
CA ASN C 84 -11.76 33.65 -10.91
C ASN C 84 -12.75 33.62 -12.07
N ASP C 85 -13.31 32.45 -12.34
CA ASP C 85 -14.26 32.35 -13.44
C ASP C 85 -15.68 32.56 -12.94
N PRO C 86 -16.46 33.37 -13.66
CA PRO C 86 -17.81 33.71 -13.20
C PRO C 86 -18.73 32.50 -13.25
N PRO C 87 -19.53 32.28 -12.22
CA PRO C 87 -20.49 31.17 -12.25
C PRO C 87 -21.76 31.54 -13.01
N GLU C 88 -22.42 30.51 -13.53
CA GLU C 88 -23.72 30.64 -14.16
C GLU C 88 -24.76 29.96 -13.31
N VAL C 89 -25.84 30.68 -12.99
CA VAL C 89 -26.87 30.21 -12.09
C VAL C 89 -28.19 30.15 -12.83
N THR C 90 -28.86 29.01 -12.78
CA THR C 90 -30.19 28.83 -13.33
C THR C 90 -31.05 28.08 -12.31
N VAL C 91 -32.28 28.56 -12.12
CA VAL C 91 -33.21 27.97 -11.16
C VAL C 91 -34.37 27.35 -11.91
N PHE C 92 -34.76 26.14 -11.51
CA PHE C 92 -35.85 25.42 -12.14
C PHE C 92 -36.36 24.38 -11.15
N PRO C 93 -37.65 24.07 -11.17
CA PRO C 93 -38.19 23.05 -10.27
C PRO C 93 -37.90 21.64 -10.77
N LYS C 94 -37.94 20.69 -9.83
CA LYS C 94 -37.71 19.30 -10.18
C LYS C 94 -38.96 18.67 -10.80
N GLU C 95 -40.12 18.97 -10.24
CA GLU C 95 -41.41 18.51 -10.74
C GLU C 95 -42.22 19.67 -11.29
N PRO C 96 -43.28 19.40 -12.07
CA PRO C 96 -44.15 20.49 -12.50
C PRO C 96 -44.70 21.29 -11.33
N VAL C 97 -44.73 22.61 -11.49
CA VAL C 97 -45.16 23.49 -10.41
C VAL C 97 -46.64 23.28 -10.15
N GLU C 98 -47.00 23.18 -8.87
CA GLU C 98 -48.39 22.94 -8.50
C GLU C 98 -48.61 23.40 -7.07
N LEU C 99 -49.71 24.10 -6.84
CA LEU C 99 -50.03 24.64 -5.52
C LEU C 99 -50.36 23.51 -4.55
N GLY C 100 -49.72 23.52 -3.40
CA GLY C 100 -49.94 22.51 -2.38
C GLY C 100 -49.15 21.22 -2.56
N GLN C 101 -48.48 21.04 -3.70
CA GLN C 101 -47.72 19.84 -3.95
C GLN C 101 -46.27 20.06 -3.53
N PRO C 102 -45.78 19.40 -2.47
CA PRO C 102 -44.39 19.64 -2.05
C PRO C 102 -43.39 19.28 -3.14
N ASN C 103 -42.83 20.31 -3.78
CA ASN C 103 -41.88 20.16 -4.87
C ASN C 103 -40.46 20.39 -4.36
N THR C 104 -39.50 20.38 -5.30
CA THR C 104 -38.10 20.62 -5.00
C THR C 104 -37.56 21.62 -5.99
N LEU C 105 -37.00 22.72 -5.49
CA LEU C 105 -36.42 23.76 -6.33
C LEU C 105 -34.93 23.51 -6.49
N ILE C 106 -34.45 23.59 -7.71
CA ILE C 106 -33.06 23.25 -8.05
C ILE C 106 -32.34 24.51 -8.51
N CYS C 107 -31.19 24.78 -7.90
CA CYS C 107 -30.32 25.89 -8.27
C CYS C 107 -28.99 25.32 -8.74
N HIS C 108 -28.70 25.49 -10.03
CA HIS C 108 -27.52 24.87 -10.66
C HIS C 108 -26.48 25.95 -10.93
N ILE C 109 -25.45 25.98 -10.09
CA ILE C 109 -24.28 26.85 -10.30
C ILE C 109 -23.29 26.10 -11.18
N ASP C 110 -22.81 26.76 -12.22
CA ASP C 110 -22.04 26.07 -13.26
C ASP C 110 -20.91 26.96 -13.77
N LYS C 111 -19.85 26.30 -14.23
CA LYS C 111 -18.75 26.96 -14.96
C LYS C 111 -18.01 27.98 -14.09
N PHE C 112 -17.74 27.61 -12.84
CA PHE C 112 -17.03 28.50 -11.92
C PHE C 112 -15.72 27.86 -11.48
N PHE C 113 -14.85 28.69 -10.90
CA PHE C 113 -13.52 28.32 -10.46
C PHE C 113 -12.94 29.45 -9.63
N PRO C 114 -12.38 29.18 -8.44
CA PRO C 114 -12.18 27.90 -7.76
C PRO C 114 -13.46 27.37 -7.07
N PRO C 115 -13.43 26.12 -6.58
CA PRO C 115 -14.60 25.56 -5.87
C PRO C 115 -14.80 26.15 -4.47
N VAL C 116 -15.06 27.45 -4.42
CA VAL C 116 -15.34 28.14 -3.17
C VAL C 116 -16.62 28.95 -3.38
N LEU C 117 -17.69 28.56 -2.70
CA LEU C 117 -18.99 29.20 -2.88
C LEU C 117 -19.68 29.40 -1.53
N ASN C 118 -20.51 30.43 -1.46
CA ASN C 118 -21.42 30.67 -0.34
C ASN C 118 -22.81 30.78 -0.95
N VAL C 119 -23.53 29.67 -1.03
CA VAL C 119 -24.86 29.62 -1.63
C VAL C 119 -25.89 29.50 -0.52
N THR C 120 -26.97 30.27 -0.64
CA THR C 120 -28.03 30.28 0.37
C THR C 120 -29.37 30.54 -0.30
N TRP C 121 -30.42 29.97 0.27
CA TRP C 121 -31.77 30.10 -0.27
C TRP C 121 -32.51 31.25 0.41
N LEU C 122 -33.31 31.95 -0.36
CA LEU C 122 -34.09 33.09 0.14
C LEU C 122 -35.52 32.97 -0.35
N CYS C 123 -36.47 33.09 0.59
CA CYS C 123 -37.90 33.08 0.28
C CYS C 123 -38.51 34.39 0.76
N ASN C 124 -39.11 35.13 -0.17
CA ASN C 124 -39.70 36.44 0.12
C ASN C 124 -38.66 37.38 0.74
N GLY C 125 -37.41 37.26 0.29
CA GLY C 125 -36.34 38.07 0.80
C GLY C 125 -35.82 37.69 2.17
N GLU C 126 -36.20 36.52 2.68
CA GLU C 126 -35.78 36.07 3.99
C GLU C 126 -35.08 34.72 3.88
N LEU C 127 -34.23 34.44 4.86
CA LEU C 127 -33.44 33.22 4.86
C LEU C 127 -34.33 31.98 5.04
N VAL C 128 -33.89 30.87 4.45
CA VAL C 128 -34.59 29.58 4.56
C VAL C 128 -33.56 28.57 5.02
N THR C 129 -33.56 28.26 6.32
CA THR C 129 -32.64 27.27 6.87
C THR C 129 -33.20 25.86 6.83
N GLU C 130 -34.49 25.69 6.53
CA GLU C 130 -35.12 24.39 6.51
C GLU C 130 -35.25 23.88 5.08
N GLY C 131 -35.11 22.57 4.90
CA GLY C 131 -35.28 21.96 3.60
C GLY C 131 -34.16 22.22 2.62
N VAL C 132 -32.99 22.62 3.10
CA VAL C 132 -31.86 22.92 2.22
C VAL C 132 -30.98 21.68 2.10
N ALA C 133 -30.50 21.42 0.89
CA ALA C 133 -29.61 20.30 0.62
C ALA C 133 -28.76 20.65 -0.60
N GLU C 134 -27.51 20.17 -0.59
CA GLU C 134 -26.57 20.49 -1.63
C GLU C 134 -25.81 19.23 -2.04
N SER C 135 -25.23 19.29 -3.24
CA SER C 135 -24.40 18.23 -3.76
C SER C 135 -22.93 18.56 -3.53
N LEU C 136 -22.04 17.76 -4.08
CA LEU C 136 -20.62 18.03 -4.01
C LEU C 136 -20.21 18.99 -5.12
N PHE C 137 -18.95 19.40 -5.12
CA PHE C 137 -18.39 20.19 -6.21
C PHE C 137 -18.07 19.24 -7.36
N LEU C 138 -18.93 19.23 -8.36
CA LEU C 138 -18.87 18.27 -9.46
C LEU C 138 -17.90 18.77 -10.54
N PRO C 139 -17.16 17.86 -11.16
CA PRO C 139 -16.15 18.25 -12.14
C PRO C 139 -16.73 18.46 -13.54
N ARG C 140 -15.93 19.10 -14.40
CA ARG C 140 -16.28 19.34 -15.78
C ARG C 140 -15.08 19.04 -16.66
N THR C 141 -15.33 18.94 -17.98
CA THR C 141 -14.26 18.58 -18.91
C THR C 141 -13.25 19.72 -19.07
N ASP C 142 -13.70 20.96 -19.00
CA ASP C 142 -12.79 22.10 -19.05
C ASP C 142 -12.17 22.41 -17.70
N TYR C 143 -12.25 21.47 -16.75
CA TYR C 143 -11.59 21.54 -15.46
C TYR C 143 -12.15 22.67 -14.59
N SER C 144 -13.29 23.21 -14.96
CA SER C 144 -14.06 24.07 -14.07
C SER C 144 -14.99 23.17 -13.25
N PHE C 145 -15.91 23.77 -12.49
CA PHE C 145 -16.76 23.01 -11.59
C PHE C 145 -18.20 23.49 -11.70
N HIS C 146 -19.10 22.61 -11.29
CA HIS C 146 -20.52 22.95 -11.16
C HIS C 146 -21.07 22.28 -9.91
N LYS C 147 -22.19 22.80 -9.42
CA LYS C 147 -22.74 22.36 -8.16
C LYS C 147 -24.26 22.48 -8.19
N PHE C 148 -24.92 21.67 -7.37
CA PHE C 148 -26.37 21.68 -7.24
C PHE C 148 -26.77 22.10 -5.83
N HIS C 149 -27.85 22.87 -5.74
CA HIS C 149 -28.45 23.25 -4.46
C HIS C 149 -29.95 23.03 -4.54
N TYR C 150 -30.50 22.39 -3.52
CA TYR C 150 -31.90 21.97 -3.52
C TYR C 150 -32.64 22.64 -2.37
N LEU C 151 -33.94 22.84 -2.57
CA LEU C 151 -34.80 23.43 -1.55
C LEU C 151 -36.17 22.77 -1.66
N THR C 152 -36.52 21.94 -0.69
CA THR C 152 -37.83 21.31 -0.65
C THR C 152 -38.85 22.34 -0.17
N PHE C 153 -39.72 22.77 -1.08
CA PHE C 153 -40.66 23.83 -0.81
C PHE C 153 -42.07 23.41 -1.22
N VAL C 154 -43.06 24.04 -0.59
CA VAL C 154 -44.47 23.85 -0.91
C VAL C 154 -44.94 25.12 -1.62
N PRO C 155 -45.26 25.06 -2.91
CA PRO C 155 -45.62 26.29 -3.64
C PRO C 155 -46.89 26.92 -3.10
N SER C 156 -46.82 28.22 -2.82
CA SER C 156 -47.96 29.03 -2.44
C SER C 156 -48.23 30.06 -3.53
N ALA C 157 -49.18 30.94 -3.26
CA ALA C 157 -49.63 31.91 -4.27
C ALA C 157 -48.57 32.98 -4.53
N GLU C 158 -48.28 33.79 -3.51
CA GLU C 158 -47.45 34.98 -3.68
C GLU C 158 -46.00 34.76 -3.24
N ASP C 159 -45.57 33.51 -3.13
CA ASP C 159 -44.22 33.20 -2.66
C ASP C 159 -43.24 33.17 -3.83
N PHE C 160 -42.18 33.96 -3.73
CA PHE C 160 -41.10 33.97 -4.69
C PHE C 160 -39.79 33.60 -4.01
N TYR C 161 -38.90 32.96 -4.76
CA TYR C 161 -37.66 32.43 -4.22
C TYR C 161 -36.46 33.03 -4.94
N ASP C 162 -35.30 32.92 -4.29
CA ASP C 162 -34.04 33.42 -4.82
C ASP C 162 -32.92 32.47 -4.45
N CYS C 163 -31.90 32.41 -5.30
CA CYS C 163 -30.70 31.63 -5.06
C CYS C 163 -29.52 32.60 -5.00
N ARG C 164 -29.08 32.94 -3.79
CA ARG C 164 -27.99 33.88 -3.59
C ARG C 164 -26.66 33.13 -3.69
N VAL C 165 -25.79 33.56 -4.61
CA VAL C 165 -24.53 32.90 -4.87
C VAL C 165 -23.41 33.90 -4.66
N GLU C 166 -22.48 33.58 -3.75
CA GLU C 166 -21.30 34.37 -3.50
C GLU C 166 -20.08 33.65 -4.07
N HIS C 167 -19.27 34.37 -4.85
CA HIS C 167 -18.08 33.78 -5.45
C HIS C 167 -17.03 34.88 -5.60
N TRP C 168 -15.77 34.46 -5.63
CA TRP C 168 -14.67 35.40 -5.78
C TRP C 168 -14.70 36.11 -7.13
N GLY C 169 -15.33 35.52 -8.14
CA GLY C 169 -15.47 36.16 -9.43
C GLY C 169 -16.58 37.17 -9.55
N LEU C 170 -17.38 37.34 -8.50
CA LEU C 170 -18.49 38.28 -8.48
C LEU C 170 -18.17 39.42 -7.54
N ASP C 171 -18.27 40.65 -8.04
CA ASP C 171 -18.06 41.82 -7.19
C ASP C 171 -19.19 41.99 -6.18
N GLN C 172 -20.34 41.38 -6.42
CA GLN C 172 -21.48 41.44 -5.52
C GLN C 172 -22.24 40.13 -5.65
N PRO C 173 -22.86 39.65 -4.58
CA PRO C 173 -23.56 38.36 -4.65
C PRO C 173 -24.67 38.37 -5.71
N LEU C 174 -24.76 37.26 -6.44
CA LEU C 174 -25.71 37.13 -7.54
C LEU C 174 -27.02 36.57 -7.03
N LEU C 175 -28.13 37.19 -7.44
CA LEU C 175 -29.47 36.75 -7.07
C LEU C 175 -30.18 36.27 -8.34
N LYS C 176 -30.45 34.96 -8.39
CA LYS C 176 -31.19 34.37 -9.49
C LYS C 176 -32.62 34.10 -9.02
N HIS C 177 -33.59 34.75 -9.66
CA HIS C 177 -34.97 34.72 -9.20
C HIS C 177 -35.77 33.62 -9.90
N TRP C 178 -36.80 33.14 -9.21
CA TRP C 178 -37.73 32.18 -9.79
C TRP C 178 -39.09 32.36 -9.13
N GLU C 179 -40.14 32.46 -9.94
CA GLU C 179 -41.50 32.51 -9.43
C GLU C 179 -42.48 31.64 -10.21
N ALA C 180 -42.16 31.20 -11.42
CA ALA C 180 -43.03 30.32 -12.20
C ALA C 180 -42.21 29.55 -13.23
N THR D 3 -9.71 38.81 -3.67
CA THR D 3 -9.35 37.44 -4.01
C THR D 3 -8.27 36.91 -3.08
N PRO D 4 -8.68 36.15 -2.06
CA PRO D 4 -7.69 35.58 -1.14
C PRO D 4 -6.77 34.58 -1.83
N GLU D 5 -5.66 34.30 -1.15
CA GLU D 5 -4.67 33.38 -1.70
C GLU D 5 -5.21 31.95 -1.68
N ASN D 6 -5.16 31.28 -2.82
CA ASN D 6 -5.70 29.93 -2.94
C ASN D 6 -5.11 29.26 -4.17
N TYR D 7 -4.68 28.00 -4.00
CA TYR D 7 -4.15 27.20 -5.09
C TYR D 7 -4.83 25.83 -5.07
N LEU D 8 -4.89 25.20 -6.24
CA LEU D 8 -5.66 23.96 -6.40
C LEU D 8 -4.90 22.95 -7.22
N PHE D 9 -4.97 21.68 -6.80
CA PHE D 9 -4.50 20.56 -7.60
C PHE D 9 -5.63 19.56 -7.73
N GLN D 10 -5.80 19.00 -8.92
CA GLN D 10 -6.88 18.06 -9.18
C GLN D 10 -6.41 17.02 -10.20
N GLY D 11 -7.11 15.88 -10.21
CA GLY D 11 -6.75 14.81 -11.11
C GLY D 11 -7.98 14.03 -11.54
N ARG D 12 -7.82 13.30 -12.64
CA ARG D 12 -8.89 12.49 -13.21
C ARG D 12 -8.41 11.05 -13.42
N GLN D 13 -9.35 10.12 -13.38
CA GLN D 13 -9.10 8.71 -13.70
C GLN D 13 -10.32 8.24 -14.49
N GLU D 14 -10.26 8.37 -15.81
CA GLU D 14 -11.40 8.17 -16.68
C GLU D 14 -11.33 6.82 -17.38
N CYS D 15 -12.44 6.09 -17.37
CA CYS D 15 -12.57 4.81 -18.07
C CYS D 15 -13.58 4.96 -19.17
N TYR D 16 -13.15 4.78 -20.42
CA TYR D 16 -14.01 4.88 -21.59
C TYR D 16 -14.30 3.47 -22.10
N ALA D 17 -15.56 3.06 -22.01
CA ALA D 17 -16.00 1.74 -22.45
C ALA D 17 -16.76 1.85 -23.74
N PHE D 18 -16.42 1.01 -24.72
CA PHE D 18 -17.06 1.04 -26.03
C PHE D 18 -16.74 -0.24 -26.76
N ASN D 19 -17.78 -0.99 -27.15
CA ASN D 19 -17.62 -2.21 -27.96
C ASN D 19 -16.70 -3.22 -27.30
N GLY D 20 -16.90 -3.43 -25.99
CA GLY D 20 -16.08 -4.36 -25.26
C GLY D 20 -14.68 -3.91 -24.95
N THR D 21 -14.32 -2.69 -25.32
CA THR D 21 -13.00 -2.14 -25.09
C THR D 21 -13.02 -1.18 -23.90
N GLN D 22 -11.86 -1.02 -23.28
CA GLN D 22 -11.69 -0.11 -22.15
C GLN D 22 -10.48 0.78 -22.40
N ARG D 23 -10.70 2.09 -22.38
CA ARG D 23 -9.63 3.07 -22.56
C ARG D 23 -9.50 3.89 -21.27
N PHE D 24 -8.28 4.02 -20.77
CA PHE D 24 -8.02 4.66 -19.49
C PHE D 24 -7.18 5.92 -19.69
N LEU D 25 -7.61 7.01 -19.08
CA LEU D 25 -6.88 8.28 -19.10
C LEU D 25 -6.72 8.77 -17.67
N GLU D 26 -5.50 9.17 -17.32
CA GLU D 26 -5.17 9.68 -16.00
C GLU D 26 -4.56 11.07 -16.17
N ARG D 27 -5.28 12.10 -15.71
CA ARG D 27 -4.88 13.48 -15.90
C ARG D 27 -4.37 14.08 -14.60
N TYR D 28 -3.39 14.97 -14.72
CA TYR D 28 -2.83 15.72 -13.60
C TYR D 28 -2.97 17.20 -13.91
N ILE D 29 -3.84 17.89 -13.18
CA ILE D 29 -4.20 19.27 -13.46
C ILE D 29 -3.82 20.14 -12.28
N TYR D 30 -3.22 21.30 -12.56
CA TYR D 30 -2.93 22.32 -11.55
C TYR D 30 -3.63 23.61 -11.95
N ASN D 31 -4.61 24.03 -11.16
CA ASN D 31 -5.33 25.28 -11.37
C ASN D 31 -5.89 25.36 -12.79
N ARG D 32 -6.75 24.40 -13.13
CA ARG D 32 -7.46 24.34 -14.40
C ARG D 32 -6.53 24.18 -15.60
N GLU D 33 -5.25 23.84 -15.36
CA GLU D 33 -4.28 23.63 -16.41
C GLU D 33 -3.77 22.20 -16.35
N GLU D 34 -4.16 21.38 -17.31
CA GLU D 34 -3.69 20.01 -17.40
C GLU D 34 -2.27 20.00 -17.93
N PHE D 35 -1.33 19.45 -17.16
CA PHE D 35 0.07 19.43 -17.53
C PHE D 35 0.62 18.03 -17.81
N ALA D 36 0.09 17.00 -17.14
CA ALA D 36 0.54 15.63 -17.34
C ALA D 36 -0.66 14.72 -17.57
N ARG D 37 -0.45 13.68 -18.37
CA ARG D 37 -1.55 12.82 -18.77
C ARG D 37 -1.00 11.45 -19.16
N PHE D 38 -1.69 10.40 -18.71
CA PHE D 38 -1.44 9.05 -19.19
C PHE D 38 -2.63 8.61 -20.02
N ASP D 39 -2.37 8.00 -21.18
CA ASP D 39 -3.39 7.47 -22.06
C ASP D 39 -3.05 6.03 -22.38
N SER D 40 -4.01 5.13 -22.15
CA SER D 40 -3.76 3.71 -22.43
C SER D 40 -3.53 3.47 -23.91
N ASP D 41 -4.19 4.24 -24.78
CA ASP D 41 -3.93 4.13 -26.21
C ASP D 41 -2.53 4.59 -26.56
N VAL D 42 -1.95 5.47 -25.75
CA VAL D 42 -0.57 5.90 -25.96
C VAL D 42 0.41 4.90 -25.36
N GLY D 43 0.18 4.51 -24.11
CA GLY D 43 0.99 3.53 -23.42
C GLY D 43 1.96 4.10 -22.41
N GLU D 44 2.20 5.40 -22.43
CA GLU D 44 3.12 6.03 -21.50
C GLU D 44 2.60 7.41 -21.11
N PHE D 45 3.19 7.98 -20.07
CA PHE D 45 2.83 9.32 -19.64
C PHE D 45 3.31 10.35 -20.65
N ARG D 46 2.51 11.41 -20.82
CA ARG D 46 2.84 12.47 -21.76
C ARG D 46 2.58 13.82 -21.10
N ALA D 47 3.36 14.82 -21.51
CA ALA D 47 3.23 16.17 -20.99
C ALA D 47 2.27 16.96 -21.87
N VAL D 48 1.34 17.68 -21.23
CA VAL D 48 0.36 18.49 -21.95
C VAL D 48 0.85 19.93 -21.96
N THR D 49 1.63 20.31 -20.95
CA THR D 49 2.18 21.65 -20.83
C THR D 49 3.65 21.55 -20.43
N GLU D 50 4.39 22.63 -20.67
CA GLU D 50 5.77 22.70 -20.21
C GLU D 50 5.87 22.53 -18.69
N LEU D 51 4.80 22.83 -17.96
CA LEU D 51 4.76 22.66 -16.52
C LEU D 51 4.85 21.20 -16.10
N GLY D 52 4.44 20.27 -16.96
CA GLY D 52 4.45 18.86 -16.63
C GLY D 52 5.51 18.02 -17.32
N ARG D 53 6.48 18.64 -17.99
CA ARG D 53 7.52 17.84 -18.65
C ARG D 53 8.43 17.12 -17.65
N PRO D 54 8.95 17.77 -16.59
CA PRO D 54 9.78 17.02 -15.65
C PRO D 54 9.05 15.88 -14.95
N ALA D 55 7.73 16.00 -14.76
CA ALA D 55 6.98 14.94 -14.10
C ALA D 55 6.76 13.73 -15.00
N ALA D 56 6.61 13.95 -16.31
CA ALA D 56 6.36 12.84 -17.21
C ALA D 56 7.61 11.99 -17.41
N GLU D 57 8.78 12.62 -17.42
CA GLU D 57 10.02 11.87 -17.64
C GLU D 57 10.35 10.98 -16.45
N TYR D 58 10.07 11.44 -15.22
CA TYR D 58 10.33 10.62 -14.05
C TYR D 58 9.38 9.43 -13.97
N TRP D 59 8.16 9.58 -14.49
CA TRP D 59 7.20 8.49 -14.45
C TRP D 59 7.49 7.42 -15.50
N ASN D 60 8.07 7.82 -16.64
CA ASN D 60 8.42 6.87 -17.68
C ASN D 60 9.68 6.07 -17.36
N SER D 61 10.37 6.39 -16.26
CA SER D 61 11.56 5.64 -15.86
C SER D 61 11.22 4.45 -14.96
N GLN D 62 10.21 4.59 -14.10
CA GLN D 62 9.75 3.49 -13.25
C GLN D 62 8.92 2.56 -14.13
N LYS D 63 9.58 1.51 -14.65
CA LYS D 63 8.95 0.67 -15.65
C LYS D 63 7.80 -0.16 -15.08
N ASP D 64 7.85 -0.49 -13.78
CA ASP D 64 6.76 -1.24 -13.18
C ASP D 64 5.49 -0.40 -13.08
N ILE D 65 5.62 0.91 -12.94
CA ILE D 65 4.45 1.77 -12.91
C ILE D 65 3.85 1.92 -14.30
N LEU D 66 4.70 1.98 -15.33
CA LEU D 66 4.19 1.95 -16.69
C LEU D 66 3.47 0.64 -16.98
N GLU D 67 3.92 -0.45 -16.39
CA GLU D 67 3.21 -1.72 -16.53
C GLU D 67 1.94 -1.77 -15.69
N GLU D 68 1.92 -1.05 -14.57
CA GLU D 68 0.68 -0.93 -13.80
C GLU D 68 -0.35 -0.10 -14.56
N LYS D 69 0.06 1.06 -15.08
CA LYS D 69 -0.87 1.94 -15.77
C LYS D 69 -1.39 1.31 -17.06
N ARG D 70 -0.60 0.44 -17.69
CA ARG D 70 -1.08 -0.26 -18.87
C ARG D 70 -2.06 -1.38 -18.56
N ALA D 71 -2.01 -1.93 -17.35
CA ALA D 71 -2.95 -2.95 -16.92
C ALA D 71 -4.22 -2.36 -16.33
N VAL D 72 -4.31 -1.04 -16.19
CA VAL D 72 -5.51 -0.43 -15.64
C VAL D 72 -6.75 -0.70 -16.49
N PRO D 73 -6.72 -0.57 -17.82
CA PRO D 73 -7.95 -0.83 -18.60
C PRO D 73 -8.55 -2.20 -18.37
N ASP D 74 -7.74 -3.19 -17.98
CA ASP D 74 -8.25 -4.52 -17.68
C ASP D 74 -8.47 -4.76 -16.19
N ARG D 75 -7.64 -4.16 -15.34
CA ARG D 75 -7.74 -4.40 -13.90
C ARG D 75 -8.79 -3.51 -13.23
N MET D 76 -8.95 -2.28 -13.71
CA MET D 76 -9.89 -1.34 -13.10
C MET D 76 -11.10 -1.06 -13.99
N CYS D 77 -10.87 -0.62 -15.23
CA CYS D 77 -11.99 -0.22 -16.09
C CYS D 77 -12.89 -1.40 -16.40
N ARG D 78 -12.32 -2.52 -16.83
CA ARG D 78 -13.13 -3.68 -17.16
C ARG D 78 -13.74 -4.30 -15.91
N HIS D 79 -13.07 -4.19 -14.76
CA HIS D 79 -13.61 -4.74 -13.52
C HIS D 79 -14.85 -3.98 -13.07
N ASN D 80 -14.76 -2.66 -12.97
CA ASN D 80 -15.89 -1.86 -12.49
C ASN D 80 -17.04 -1.86 -13.50
N TYR D 81 -16.74 -2.00 -14.79
CA TYR D 81 -17.81 -2.00 -15.79
C TYR D 81 -18.66 -3.27 -15.68
N GLU D 82 -18.01 -4.43 -15.65
CA GLU D 82 -18.75 -5.69 -15.52
C GLU D 82 -19.36 -5.88 -14.14
N LEU D 83 -19.03 -5.05 -13.15
CA LEU D 83 -19.53 -5.29 -11.77
C LEU D 83 -20.75 -4.44 -11.51
N GLY D 84 -20.77 -3.26 -12.08
CA GLY D 84 -21.85 -2.32 -11.79
C GLY D 84 -22.97 -2.46 -12.78
N GLY D 85 -22.87 -3.48 -13.61
CA GLY D 85 -23.88 -3.65 -14.66
C GLY D 85 -25.31 -3.49 -14.20
N PRO D 86 -25.83 -4.21 -13.18
CA PRO D 86 -27.29 -4.17 -12.94
C PRO D 86 -27.83 -2.80 -12.58
N MET D 87 -27.20 -2.09 -11.66
CA MET D 87 -27.78 -0.88 -11.09
C MET D 87 -27.37 0.40 -11.81
N THR D 88 -26.52 0.32 -12.83
CA THR D 88 -26.11 1.52 -13.56
C THR D 88 -26.33 1.35 -15.06
N LEU D 89 -25.73 0.30 -15.64
CA LEU D 89 -25.87 0.09 -17.08
C LEU D 89 -27.31 -0.22 -17.46
N GLN D 90 -28.06 -0.92 -16.60
CA GLN D 90 -29.45 -1.21 -16.84
C GLN D 90 -30.34 -0.62 -15.74
N ARG D 91 -30.27 0.69 -15.56
CA ARG D 91 -31.12 1.40 -14.62
C ARG D 91 -32.21 2.13 -15.37
N ARG D 92 -33.46 1.90 -14.99
CA ARG D 92 -34.62 2.44 -15.68
C ARG D 92 -35.54 3.15 -14.70
N VAL D 93 -35.86 4.41 -14.99
CA VAL D 93 -36.83 5.18 -14.23
C VAL D 93 -37.84 5.74 -15.22
N GLN D 94 -39.11 5.38 -15.05
CA GLN D 94 -40.12 5.76 -16.02
C GLN D 94 -40.42 7.26 -15.91
N PRO D 95 -40.55 7.95 -17.03
CA PRO D 95 -40.80 9.39 -16.99
C PRO D 95 -42.25 9.72 -16.63
N ARG D 96 -42.43 10.96 -16.19
CA ARG D 96 -43.75 11.50 -15.89
C ARG D 96 -44.00 12.70 -16.80
N VAL D 97 -45.13 12.69 -17.49
CA VAL D 97 -45.44 13.71 -18.49
C VAL D 97 -46.55 14.61 -17.96
N ASN D 98 -46.50 15.88 -18.37
CA ASN D 98 -47.46 16.88 -17.92
C ASN D 98 -47.53 17.98 -18.97
N VAL D 99 -48.76 18.37 -19.32
CA VAL D 99 -49.01 19.44 -20.28
C VAL D 99 -49.77 20.55 -19.58
N SER D 100 -49.22 21.75 -19.62
CA SER D 100 -49.84 22.93 -19.02
C SER D 100 -49.94 24.04 -20.07
N PRO D 101 -51.01 24.84 -20.03
CA PRO D 101 -51.14 25.90 -21.04
C PRO D 101 -50.09 26.99 -20.91
N SER D 102 -49.75 27.39 -19.68
CA SER D 102 -48.75 28.42 -19.42
C SER D 102 -49.09 29.73 -20.15
N ASN D 111 -49.50 32.59 -26.48
CA ASN D 111 -50.06 31.33 -26.00
C ASN D 111 -49.14 30.17 -26.35
N LEU D 112 -48.57 29.54 -25.32
CA LEU D 112 -47.67 28.41 -25.47
C LEU D 112 -48.36 27.13 -25.01
N LEU D 113 -47.58 26.04 -24.94
CA LEU D 113 -48.08 24.77 -24.45
C LEU D 113 -46.87 23.94 -24.05
N VAL D 114 -46.65 23.79 -22.75
CA VAL D 114 -45.41 23.21 -22.22
C VAL D 114 -45.66 21.74 -21.88
N CYS D 115 -44.88 20.85 -22.49
CA CYS D 115 -44.87 19.43 -22.17
C CYS D 115 -43.65 19.17 -21.30
N HIS D 116 -43.87 19.01 -20.00
CA HIS D 116 -42.79 18.89 -19.02
C HIS D 116 -42.62 17.42 -18.64
N VAL D 117 -41.60 16.79 -19.20
CA VAL D 117 -41.27 15.40 -18.89
C VAL D 117 -40.24 15.40 -17.77
N THR D 118 -40.47 14.57 -16.75
CA THR D 118 -39.64 14.58 -15.56
C THR D 118 -39.40 13.15 -15.08
N ASP D 119 -38.29 12.99 -14.34
CA ASP D 119 -37.99 11.79 -13.57
C ASP D 119 -37.79 10.58 -14.47
N PHE D 120 -36.84 10.71 -15.40
CA PHE D 120 -36.40 9.61 -16.25
C PHE D 120 -34.87 9.58 -16.24
N TYR D 121 -34.31 8.40 -16.01
CA TYR D 121 -32.86 8.31 -15.82
C TYR D 121 -32.07 8.08 -17.11
N PRO D 122 -32.44 7.10 -17.98
CA PRO D 122 -31.59 6.81 -19.15
C PRO D 122 -31.21 8.01 -19.99
N GLY D 123 -31.98 9.09 -19.90
CA GLY D 123 -31.69 10.34 -20.60
C GLY D 123 -32.06 10.40 -22.07
N SER D 124 -31.90 9.27 -22.77
CA SER D 124 -32.30 9.19 -24.17
C SER D 124 -33.82 9.09 -24.24
N ILE D 125 -34.45 10.10 -24.86
CA ILE D 125 -35.90 10.19 -24.87
C ILE D 125 -36.32 10.94 -26.12
N GLN D 126 -37.52 10.64 -26.61
CA GLN D 126 -38.13 11.32 -27.75
C GLN D 126 -39.46 11.92 -27.31
N VAL D 127 -39.65 13.20 -27.59
CA VAL D 127 -40.85 13.94 -27.19
C VAL D 127 -41.40 14.61 -28.43
N ARG D 128 -42.42 14.01 -29.04
CA ARG D 128 -43.05 14.54 -30.23
C ARG D 128 -44.38 15.21 -29.89
N TRP D 129 -44.78 16.14 -30.75
CA TRP D 129 -46.06 16.84 -30.61
C TRP D 129 -47.02 16.37 -31.69
N PHE D 130 -48.31 16.41 -31.36
CA PHE D 130 -49.36 16.03 -32.30
C PHE D 130 -50.55 16.97 -32.15
N LEU D 131 -51.13 17.34 -33.28
CA LEU D 131 -52.33 18.17 -33.33
C LEU D 131 -53.39 17.40 -34.12
N ASN D 132 -54.40 16.88 -33.43
CA ASN D 132 -55.48 16.11 -34.05
C ASN D 132 -54.94 14.90 -34.80
N GLY D 133 -53.91 14.27 -34.24
CA GLY D 133 -53.32 13.09 -34.82
C GLY D 133 -52.25 13.33 -35.86
N GLN D 134 -51.89 14.58 -36.12
CA GLN D 134 -50.87 14.93 -37.10
C GLN D 134 -49.68 15.54 -36.38
N GLU D 135 -48.48 15.00 -36.63
CA GLU D 135 -47.29 15.47 -35.94
C GLU D 135 -46.94 16.88 -36.39
N GLU D 136 -46.73 17.77 -35.41
CA GLU D 136 -46.37 19.15 -35.66
C GLU D 136 -44.90 19.37 -35.33
N THR D 137 -44.19 20.05 -36.22
CA THR D 137 -42.78 20.35 -36.05
C THR D 137 -42.49 21.85 -35.98
N ALA D 138 -43.18 22.65 -36.79
CA ALA D 138 -42.97 24.10 -36.75
C ALA D 138 -43.39 24.66 -35.40
N GLY D 139 -42.56 25.56 -34.86
CA GLY D 139 -42.84 26.16 -33.58
C GLY D 139 -42.46 25.33 -32.37
N VAL D 140 -41.82 24.18 -32.57
CA VAL D 140 -41.41 23.32 -31.47
C VAL D 140 -40.05 23.79 -30.97
N VAL D 141 -39.98 24.14 -29.68
CA VAL D 141 -38.76 24.60 -29.04
C VAL D 141 -38.50 23.70 -27.84
N SER D 142 -37.49 22.84 -27.94
CA SER D 142 -37.12 21.92 -26.88
C SER D 142 -35.87 22.40 -26.17
N THR D 143 -35.84 22.22 -24.84
CA THR D 143 -34.67 22.57 -24.07
C THR D 143 -33.65 21.42 -24.09
N ASN D 144 -32.47 21.70 -23.57
CA ASN D 144 -31.44 20.68 -23.45
C ASN D 144 -31.83 19.65 -22.39
N LEU D 145 -31.09 18.55 -22.37
CA LEU D 145 -31.25 17.56 -21.31
C LEU D 145 -30.82 18.16 -19.99
N ILE D 146 -31.76 18.25 -19.04
CA ILE D 146 -31.51 18.86 -17.75
C ILE D 146 -31.17 17.76 -16.75
N ARG D 147 -30.03 17.91 -16.07
CA ARG D 147 -29.60 16.97 -15.04
C ARG D 147 -30.03 17.50 -13.69
N ASN D 148 -30.85 16.72 -12.98
CA ASN D 148 -31.28 17.11 -11.64
C ASN D 148 -30.21 16.90 -10.58
N GLY D 149 -29.17 16.12 -10.88
CA GLY D 149 -28.14 15.79 -9.91
C GLY D 149 -28.49 14.63 -9.01
N ASP D 150 -29.70 14.11 -9.09
CA ASP D 150 -30.14 12.98 -8.27
C ASP D 150 -30.38 11.74 -9.13
N TRP D 151 -29.54 11.55 -10.16
CA TRP D 151 -29.64 10.43 -11.09
C TRP D 151 -30.99 10.40 -11.81
N THR D 152 -31.56 11.57 -12.07
CA THR D 152 -32.76 11.71 -12.86
C THR D 152 -32.59 12.88 -13.82
N PHE D 153 -33.22 12.77 -14.99
CA PHE D 153 -33.16 13.81 -16.00
C PHE D 153 -34.50 14.55 -16.09
N GLN D 154 -34.57 15.50 -17.01
CA GLN D 154 -35.71 16.38 -17.16
C GLN D 154 -35.59 17.11 -18.50
N ILE D 155 -36.73 17.33 -19.15
CA ILE D 155 -36.74 18.03 -20.43
C ILE D 155 -38.07 18.75 -20.57
N LEU D 156 -38.04 19.93 -21.21
CA LEU D 156 -39.22 20.73 -21.47
C LEU D 156 -39.29 21.04 -22.95
N VAL D 157 -40.42 20.72 -23.57
CA VAL D 157 -40.64 20.95 -25.00
C VAL D 157 -41.85 21.85 -25.12
N MET D 158 -41.61 23.12 -25.41
CA MET D 158 -42.69 24.09 -25.57
C MET D 158 -43.17 24.12 -27.02
N LEU D 159 -44.49 24.21 -27.19
CA LEU D 159 -45.11 24.27 -28.51
C LEU D 159 -46.05 25.46 -28.56
N GLU D 160 -45.74 26.43 -29.41
CA GLU D 160 -46.66 27.52 -29.67
C GLU D 160 -47.75 27.05 -30.63
N MET D 161 -48.94 27.61 -30.48
CA MET D 161 -50.11 27.08 -31.16
C MET D 161 -51.04 28.21 -31.56
N THR D 162 -51.89 27.93 -32.55
CA THR D 162 -53.02 28.77 -32.91
C THR D 162 -54.29 28.09 -32.39
N PRO D 163 -54.70 28.39 -31.16
CA PRO D 163 -55.77 27.61 -30.52
C PRO D 163 -57.10 27.81 -31.23
N GLN D 164 -57.75 26.69 -31.56
CA GLN D 164 -59.11 26.69 -32.11
C GLN D 164 -59.93 25.70 -31.31
N GLN D 165 -61.14 26.10 -30.92
CA GLN D 165 -61.98 25.26 -30.07
C GLN D 165 -62.30 23.95 -30.78
N GLY D 166 -62.06 22.84 -30.07
CA GLY D 166 -62.23 21.51 -30.61
C GLY D 166 -60.92 20.79 -30.90
N ASP D 167 -59.83 21.52 -31.08
CA ASP D 167 -58.54 20.91 -31.34
C ASP D 167 -58.04 20.15 -30.12
N VAL D 168 -57.31 19.07 -30.38
CA VAL D 168 -56.76 18.21 -29.33
C VAL D 168 -55.26 18.10 -29.55
N TYR D 169 -54.49 18.69 -28.64
CA TYR D 169 -53.04 18.62 -28.68
C TYR D 169 -52.57 17.50 -27.75
N THR D 170 -51.76 16.58 -28.28
CA THR D 170 -51.26 15.46 -27.51
C THR D 170 -49.73 15.46 -27.57
N CYS D 171 -49.11 15.24 -26.40
CA CYS D 171 -47.66 15.15 -26.29
C CYS D 171 -47.27 13.69 -26.14
N GLN D 172 -46.55 13.15 -27.12
CA GLN D 172 -46.14 11.75 -27.12
C GLN D 172 -44.70 11.65 -26.64
N VAL D 173 -44.45 10.69 -25.75
CA VAL D 173 -43.14 10.48 -25.15
C VAL D 173 -42.78 9.02 -25.28
N GLU D 174 -41.66 8.73 -25.95
CA GLU D 174 -41.11 7.40 -26.06
C GLU D 174 -39.83 7.30 -25.26
N HIS D 175 -39.66 6.20 -24.54
CA HIS D 175 -38.52 6.04 -23.65
C HIS D 175 -38.19 4.57 -23.51
N THR D 176 -36.93 4.29 -23.19
CA THR D 176 -36.47 2.90 -23.09
C THR D 176 -37.14 2.17 -21.93
N SER D 177 -37.49 2.87 -20.86
CA SER D 177 -38.10 2.27 -19.69
C SER D 177 -39.60 2.04 -19.84
N LEU D 178 -40.16 2.31 -21.02
CA LEU D 178 -41.60 2.19 -21.25
C LEU D 178 -41.87 1.11 -22.29
N ASP D 179 -42.86 0.26 -22.00
CA ASP D 179 -43.28 -0.75 -22.98
C ASP D 179 -43.94 -0.08 -24.18
N SER D 180 -44.90 0.81 -23.95
CA SER D 180 -45.57 1.57 -24.97
C SER D 180 -45.41 3.07 -24.70
N PRO D 181 -45.47 3.90 -25.75
CA PRO D 181 -45.31 5.35 -25.53
C PRO D 181 -46.42 5.91 -24.65
N VAL D 182 -46.04 6.83 -23.78
CA VAL D 182 -46.97 7.53 -22.90
C VAL D 182 -47.41 8.82 -23.58
N THR D 183 -48.70 9.14 -23.47
CA THR D 183 -49.27 10.32 -24.11
C THR D 183 -50.15 11.06 -23.12
N VAL D 184 -50.10 12.39 -23.17
CA VAL D 184 -50.95 13.27 -22.38
C VAL D 184 -51.56 14.29 -23.34
N GLU D 185 -52.86 14.59 -23.18
CA GLU D 185 -53.56 15.47 -24.14
C GLU D 185 -54.07 16.77 -23.50
N TRP D 186 -54.30 17.80 -24.30
CA TRP D 186 -54.89 19.07 -23.82
C TRP D 186 -55.94 19.53 -24.82
N THR E 3 -18.24 -7.27 -4.94
CA THR E 3 -18.70 -6.02 -4.33
C THR E 3 -17.60 -4.96 -4.35
N GLY E 4 -16.35 -5.39 -4.17
CA GLY E 4 -15.25 -4.45 -4.05
C GLY E 4 -14.96 -3.78 -5.38
N LEU E 5 -14.92 -2.46 -5.38
CA LEU E 5 -14.58 -1.67 -6.56
C LEU E 5 -13.07 -1.42 -6.59
N ALA E 6 -12.60 -0.99 -7.77
CA ALA E 6 -11.19 -0.77 -8.01
C ALA E 6 -10.91 0.71 -8.23
N TRP E 7 -9.76 1.17 -7.74
CA TRP E 7 -9.30 2.54 -7.95
C TRP E 7 -7.83 2.51 -8.34
N GLU E 8 -7.28 3.68 -8.65
CA GLU E 8 -5.90 3.80 -9.11
C GLU E 8 -5.21 4.92 -8.34
N TRP E 9 -3.90 4.78 -8.19
CA TRP E 9 -3.08 5.73 -7.44
C TRP E 9 -2.56 6.82 -8.37
N TRP E 10 -2.83 8.07 -8.04
CA TRP E 10 -2.19 9.18 -8.74
C TRP E 10 -0.71 9.21 -8.41
N ARG E 11 0.10 9.55 -9.39
CA ARG E 11 1.55 9.56 -9.21
C ARG E 11 2.02 10.86 -8.56
N THR E 12 3.14 10.76 -7.85
CA THR E 12 3.72 11.92 -7.18
C THR E 12 4.51 12.76 -8.18
N VAL E 13 4.23 14.06 -8.22
CA VAL E 13 4.91 14.98 -9.11
C VAL E 13 6.13 15.54 -8.39
N TYR E 14 7.32 15.25 -8.91
CA TYR E 14 8.56 15.84 -8.42
C TYR E 14 9.70 15.58 -9.38
#